data_8K2Y
#
_entry.id   8K2Y
#
_cell.length_a   133.703
_cell.length_b   91.461
_cell.length_c   81.033
_cell.angle_alpha   90.000
_cell.angle_beta   116.060
_cell.angle_gamma   90.000
#
_symmetry.space_group_name_H-M   'C 1 2 1'
#
_entity_poly.entity_id   1
_entity_poly.type   'polypeptide(L)'
_entity_poly.pdbx_seq_one_letter_code
;MGSSHHHHHHSSGLVPRGSHMMLGQVATAQAENLPDFTGLVEQASPAVVNISTRQKLPDRAVANQQMPDLEGLPPMLREF
LERSMPPGSRPPGSGAGKGDRQREAQSLGSGFIISPDGYVLTNNHVIDGADEILVRLSDRSELKAKLVGTDPRTDVAVLK
IEGKDLPTAKLGNSNTLKVGEWVLAIGSPFGFDHSVTKGIVSAKGRSLPNDTYVPFIQTDVAINPGNSGGPLFNMAGEVV
GINSQIFTRSGGFMGLSFAIPIDVAMDVANQLKANGKVSRGWLGVVIQEVNKDLAESFGLDKPAGALVAQVLEDGPAAKG
GVQVGDVILSANGQPIVMSADLPHLIGNLKDGSKAELEVIRDGKRQKLTVTVGALPDELEHHHHHH
;
_entity_poly.pdbx_strand_id   A,B,C
#
# COMPACT_ATOMS: atom_id res chain seq x y z
N GLU A 32 -16.76 15.19 -7.97
CA GLU A 32 -17.26 13.87 -7.61
C GLU A 32 -18.28 13.95 -6.49
N ASN A 33 -19.13 12.96 -6.44
CA ASN A 33 -20.09 12.85 -5.37
C ASN A 33 -19.57 11.93 -4.28
N LEU A 34 -18.32 11.55 -4.38
CA LEU A 34 -17.70 10.72 -3.39
C LEU A 34 -17.46 11.55 -2.14
N PRO A 35 -17.89 11.09 -0.97
CA PRO A 35 -17.62 11.83 0.27
C PRO A 35 -16.15 11.68 0.67
N ASP A 36 -15.65 12.66 1.38
CA ASP A 36 -14.24 12.71 1.70
C ASP A 36 -14.09 13.03 3.19
N PHE A 37 -12.84 13.12 3.63
CA PHE A 37 -12.51 13.18 5.04
C PHE A 37 -12.05 14.56 5.51
N THR A 38 -12.31 15.62 4.72
CA THR A 38 -11.80 16.94 5.08
C THR A 38 -12.39 17.43 6.42
N GLY A 39 -13.70 17.34 6.58
CA GLY A 39 -14.31 17.75 7.84
C GLY A 39 -13.88 16.90 9.02
N LEU A 40 -13.79 15.59 8.81
CA LEU A 40 -13.31 14.71 9.84
C LEU A 40 -11.88 15.05 10.21
N VAL A 41 -11.06 15.42 9.22
CA VAL A 41 -9.69 15.84 9.55
C VAL A 41 -9.72 17.07 10.44
N GLU A 42 -10.53 18.07 10.08
CA GLU A 42 -10.58 19.30 10.88
C GLU A 42 -11.04 19.03 12.31
N GLN A 43 -12.07 18.21 12.49
CA GLN A 43 -12.56 17.98 13.84
C GLN A 43 -11.61 17.12 14.67
N ALA A 44 -10.88 16.18 14.04
CA ALA A 44 -10.16 15.18 14.83
C ALA A 44 -8.65 15.36 14.88
N SER A 45 -8.05 16.15 13.99
CA SER A 45 -6.62 16.43 14.10
C SER A 45 -6.22 17.18 15.36
N PRO A 46 -6.96 18.21 15.82
CA PRO A 46 -6.40 19.07 16.88
C PRO A 46 -5.82 18.29 18.06
N ALA A 47 -6.42 17.15 18.44
CA ALA A 47 -5.93 16.46 19.62
C ALA A 47 -4.74 15.56 19.34
N VAL A 48 -4.35 15.38 18.08
CA VAL A 48 -3.21 14.55 17.75
C VAL A 48 -1.93 15.35 17.92
N VAL A 49 -0.94 14.77 18.59
CA VAL A 49 0.25 15.48 19.04
C VAL A 49 1.47 14.72 18.54
N ASN A 50 2.58 15.45 18.48
CA ASN A 50 3.87 14.88 18.14
C ASN A 50 4.60 14.58 19.44
N ILE A 51 5.35 13.48 19.46
CA ILE A 51 6.16 13.09 20.61
C ILE A 51 7.62 13.15 20.17
N SER A 52 8.40 13.95 20.91
CA SER A 52 9.82 14.19 20.65
C SER A 52 10.59 13.90 21.92
N THR A 53 11.91 13.81 21.81
CA THR A 53 12.75 13.68 22.99
C THR A 53 13.96 14.59 22.90
N ARG A 54 14.63 14.70 24.03
CA ARG A 54 15.90 15.41 24.14
C ARG A 54 16.87 14.71 25.07
N GLU A 104 18.59 19.98 19.24
CA GLU A 104 17.21 20.13 18.77
C GLU A 104 16.39 18.83 18.97
N ALA A 105 15.07 18.98 19.05
CA ALA A 105 14.16 17.90 19.44
C ALA A 105 14.08 16.87 18.33
N GLN A 106 13.98 15.59 18.69
CA GLN A 106 14.13 14.50 17.74
C GLN A 106 12.77 13.81 17.80
N SER A 107 12.01 13.87 16.71
CA SER A 107 10.68 13.29 16.73
C SER A 107 10.76 11.78 16.95
N LEU A 108 9.96 11.30 17.88
CA LEU A 108 9.85 9.88 18.14
C LEU A 108 8.57 9.27 17.60
N GLY A 109 7.50 10.04 17.49
CA GLY A 109 6.26 9.47 17.00
C GLY A 109 5.06 10.34 17.28
N SER A 110 3.89 9.71 17.37
CA SER A 110 2.65 10.46 17.55
C SER A 110 1.94 10.01 18.83
N GLY A 111 0.90 10.75 19.18
CA GLY A 111 0.05 10.39 20.30
C GLY A 111 -1.16 11.29 20.26
N PHE A 112 -2.05 11.12 21.23
CA PHE A 112 -3.23 11.97 21.24
C PHE A 112 -3.64 12.28 22.67
N ILE A 113 -4.42 13.35 22.81
CA ILE A 113 -4.91 13.82 24.09
C ILE A 113 -6.25 13.17 24.39
N ILE A 114 -6.33 12.44 25.52
CA ILE A 114 -7.58 11.81 25.94
C ILE A 114 -8.27 12.53 27.11
N SER A 115 -7.76 13.69 27.53
CA SER A 115 -8.44 14.46 28.57
C SER A 115 -7.96 15.89 28.54
N PRO A 116 -8.83 16.88 28.77
CA PRO A 116 -8.42 18.28 28.57
C PRO A 116 -7.39 18.79 29.56
N ASP A 117 -7.01 18.03 30.56
CA ASP A 117 -5.97 18.44 31.50
C ASP A 117 -4.63 17.78 31.21
N GLY A 118 -4.51 17.02 30.13
CA GLY A 118 -3.22 16.72 29.60
C GLY A 118 -2.77 15.28 29.64
N TYR A 119 -3.66 14.34 29.89
CA TYR A 119 -3.29 12.94 29.77
C TYR A 119 -3.25 12.61 28.30
N VAL A 120 -2.18 11.94 27.88
CA VAL A 120 -1.86 11.71 26.48
C VAL A 120 -1.54 10.23 26.32
N LEU A 121 -2.08 9.61 25.27
CA LEU A 121 -1.76 8.22 24.96
C LEU A 121 -0.72 8.14 23.87
N THR A 122 0.00 7.01 23.84
CA THR A 122 0.96 6.74 22.78
C THR A 122 1.38 5.28 22.89
N ASN A 123 2.39 4.91 22.13
CA ASN A 123 2.97 3.57 22.19
C ASN A 123 4.13 3.53 23.14
N ASN A 124 4.27 2.41 23.83
CA ASN A 124 5.47 2.21 24.62
C ASN A 124 6.72 2.37 23.76
N HIS A 125 6.71 1.79 22.56
CA HIS A 125 7.91 1.75 21.73
C HIS A 125 8.25 3.08 21.08
N VAL A 126 7.40 4.09 21.25
CA VAL A 126 7.70 5.46 20.81
C VAL A 126 8.52 6.18 21.87
N ILE A 127 8.24 5.93 23.15
CA ILE A 127 8.96 6.59 24.24
C ILE A 127 10.06 5.73 24.82
N ASP A 128 10.17 4.47 24.43
CA ASP A 128 11.19 3.63 25.04
C ASP A 128 12.58 4.23 24.82
N GLY A 129 13.32 4.41 25.90
CA GLY A 129 14.66 4.92 25.82
C GLY A 129 14.77 6.42 25.83
N ALA A 130 13.66 7.14 25.71
CA ALA A 130 13.69 8.59 25.79
C ALA A 130 13.71 9.01 27.25
N ASP A 131 14.39 10.12 27.52
CA ASP A 131 14.40 10.65 28.87
C ASP A 131 13.62 11.96 28.97
N GLU A 132 13.99 12.98 28.20
CA GLU A 132 13.21 14.20 28.15
C GLU A 132 12.14 13.99 27.09
N ILE A 133 10.87 14.09 27.49
CA ILE A 133 9.73 13.84 26.62
C ILE A 133 9.04 15.16 26.33
N LEU A 134 8.92 15.50 25.06
CA LEU A 134 8.28 16.73 24.63
C LEU A 134 7.05 16.41 23.81
N VAL A 135 5.97 17.12 24.08
CA VAL A 135 4.72 16.93 23.37
C VAL A 135 4.48 18.22 22.60
N ARG A 136 4.24 18.08 21.31
CA ARG A 136 4.17 19.21 20.40
C ARG A 136 2.78 19.25 19.79
N LEU A 137 2.06 20.32 20.08
CA LEU A 137 0.68 20.54 19.72
C LEU A 137 0.56 21.17 18.34
N SER A 138 -0.67 21.21 17.84
CA SER A 138 -0.96 21.79 16.53
C SER A 138 -0.83 23.31 16.55
N ASP A 139 -1.08 23.94 17.71
CA ASP A 139 -0.89 25.37 17.87
C ASP A 139 0.58 25.76 17.95
N ARG A 140 1.47 24.78 17.82
CA ARG A 140 2.93 24.89 17.90
C ARG A 140 3.44 25.08 19.31
N SER A 141 2.59 24.97 20.32
CA SER A 141 3.07 24.92 21.68
C SER A 141 3.86 23.64 21.94
N GLU A 142 4.84 23.75 22.83
CA GLU A 142 5.66 22.63 23.25
C GLU A 142 5.52 22.47 24.75
N LEU A 143 5.21 21.26 25.21
CA LEU A 143 4.97 21.01 26.63
C LEU A 143 5.80 19.83 27.11
N LYS A 144 6.24 19.95 28.36
CA LYS A 144 7.06 18.93 29.01
C LYS A 144 6.14 17.81 29.50
N ALA A 145 6.57 16.56 29.31
CA ALA A 145 5.73 15.41 29.61
C ALA A 145 6.42 14.51 30.63
N LYS A 146 5.69 14.14 31.68
CA LYS A 146 6.16 13.09 32.56
C LYS A 146 5.51 11.77 32.19
N LEU A 147 6.28 10.70 32.30
CA LEU A 147 5.81 9.39 31.91
C LEU A 147 4.90 8.87 33.03
N VAL A 148 3.59 8.87 32.79
CA VAL A 148 2.67 8.37 33.80
C VAL A 148 2.80 6.88 33.95
N GLY A 149 2.93 6.15 32.85
CA GLY A 149 3.13 4.70 32.96
C GLY A 149 3.16 4.05 31.60
N THR A 150 3.73 2.85 31.55
CA THR A 150 3.85 2.16 30.28
C THR A 150 3.63 0.67 30.43
N ASP A 151 3.17 0.05 29.35
CA ASP A 151 2.92 -1.38 29.29
C ASP A 151 3.45 -1.89 27.97
N PRO A 152 4.66 -2.45 27.97
CA PRO A 152 5.23 -3.00 26.73
C PRO A 152 4.37 -4.10 26.08
N ARG A 153 3.70 -4.94 26.87
CA ARG A 153 2.97 -6.08 26.31
C ARG A 153 1.83 -5.65 25.39
N THR A 154 1.08 -4.62 25.79
CA THR A 154 0.11 -4.00 24.89
C THR A 154 0.71 -2.85 24.11
N ASP A 155 1.94 -2.46 24.44
CA ASP A 155 2.60 -1.33 23.80
C ASP A 155 1.78 -0.06 23.96
N VAL A 156 1.33 0.21 25.20
CA VAL A 156 0.58 1.43 25.49
C VAL A 156 1.35 2.22 26.53
N ALA A 157 1.46 3.53 26.30
CA ALA A 157 2.10 4.41 27.25
C ALA A 157 1.18 5.60 27.49
N VAL A 158 1.25 6.12 28.72
CA VAL A 158 0.48 7.26 29.18
C VAL A 158 1.47 8.34 29.62
N LEU A 159 1.35 9.53 29.04
CA LEU A 159 2.13 10.71 29.39
C LEU A 159 1.19 11.77 29.97
N LYS A 160 1.78 12.73 30.69
CA LYS A 160 1.03 13.86 31.26
C LYS A 160 1.72 15.17 30.93
N ILE A 161 0.95 16.12 30.41
CA ILE A 161 1.40 17.50 30.23
C ILE A 161 0.46 18.40 31.03
N GLU A 162 0.75 19.70 31.05
CA GLU A 162 0.05 20.69 31.86
C GLU A 162 -0.62 21.75 30.97
N GLY A 163 -1.94 21.76 30.92
CA GLY A 163 -2.61 22.85 30.22
C GLY A 163 -4.07 23.05 30.57
N ASP A 165 -7.28 23.19 29.31
CA ASP A 165 -8.38 22.92 28.37
C ASP A 165 -7.84 22.54 27.00
N LEU A 166 -6.98 21.52 26.97
CA LEU A 166 -6.46 21.04 25.72
C LEU A 166 -7.55 20.40 24.85
N PRO A 167 -7.42 20.45 23.53
CA PRO A 167 -8.33 19.72 22.66
C PRO A 167 -8.23 18.23 22.96
N THR A 168 -9.38 17.58 23.09
CA THR A 168 -9.40 16.21 23.54
C THR A 168 -10.09 15.32 22.51
N ALA A 169 -9.51 14.15 22.30
CA ALA A 169 -10.07 13.20 21.34
C ALA A 169 -11.20 12.42 22.00
N LYS A 170 -12.37 12.40 21.35
CA LYS A 170 -13.43 11.51 21.76
C LYS A 170 -13.02 10.07 21.55
N LEU A 171 -13.37 9.19 22.51
CA LEU A 171 -13.07 7.77 22.42
C LEU A 171 -14.33 6.98 22.08
N GLY A 172 -14.13 5.91 21.29
CA GLY A 172 -15.19 5.03 20.89
C GLY A 172 -15.05 3.64 21.47
N ASN A 173 -15.75 2.69 20.85
CA ASN A 173 -15.73 1.27 21.23
C ASN A 173 -15.10 0.46 20.12
N SER A 174 -14.07 -0.31 20.43
CA SER A 174 -13.50 -1.13 19.37
C SER A 174 -14.18 -2.48 19.20
N ASN A 175 -14.99 -2.92 20.15
CA ASN A 175 -15.60 -4.23 19.95
C ASN A 175 -16.71 -4.18 18.92
N THR A 176 -17.30 -3.01 18.71
CA THR A 176 -18.35 -2.86 17.71
C THR A 176 -17.80 -2.44 16.36
N LEU A 177 -16.49 -2.40 16.22
CA LEU A 177 -15.87 -2.13 14.93
C LEU A 177 -16.07 -3.35 14.02
N LYS A 178 -16.57 -3.11 12.80
CA LYS A 178 -16.82 -4.17 11.83
C LYS A 178 -15.77 -4.13 10.71
N VAL A 179 -15.27 -5.30 10.35
CA VAL A 179 -14.37 -5.41 9.23
C VAL A 179 -15.04 -4.86 7.97
N GLY A 180 -14.33 -3.99 7.25
CA GLY A 180 -14.90 -3.26 6.13
C GLY A 180 -15.28 -1.82 6.41
N GLU A 181 -15.28 -1.40 7.69
CA GLU A 181 -15.60 -0.02 8.05
C GLU A 181 -14.46 0.90 7.65
N TRP A 182 -14.81 2.13 7.26
CA TRP A 182 -13.78 3.11 6.91
C TRP A 182 -13.15 3.65 8.18
N VAL A 183 -11.84 3.83 8.15
CA VAL A 183 -11.12 4.43 9.27
C VAL A 183 -10.14 5.46 8.72
N LEU A 184 -9.72 6.35 9.64
CA LEU A 184 -8.80 7.44 9.37
C LEU A 184 -7.73 7.44 10.47
N ALA A 185 -6.48 7.18 10.09
CA ALA A 185 -5.33 7.33 10.99
C ALA A 185 -4.80 8.76 10.93
N ILE A 186 -4.55 9.36 12.09
CA ILE A 186 -3.89 10.67 12.10
C ILE A 186 -2.63 10.61 12.93
N GLY A 187 -1.55 11.14 12.37
CA GLY A 187 -0.29 11.22 13.07
C GLY A 187 0.23 12.65 13.04
N SER A 188 1.34 12.83 13.75
CA SER A 188 2.09 14.08 13.73
C SER A 188 3.55 13.67 13.63
N PRO A 189 3.97 13.27 12.43
CA PRO A 189 5.20 12.45 12.35
C PRO A 189 6.51 13.17 12.59
N PHE A 190 6.67 14.40 12.08
CA PHE A 190 7.95 15.11 12.16
C PHE A 190 7.66 16.59 12.45
N GLY A 191 7.43 16.91 13.71
CA GLY A 191 7.13 18.28 14.08
C GLY A 191 5.67 18.51 14.35
N PHE A 192 5.28 19.77 14.31
CA PHE A 192 3.94 20.15 14.75
C PHE A 192 2.85 19.78 13.76
N ASP A 193 3.21 19.33 12.55
CA ASP A 193 2.27 19.14 11.46
C ASP A 193 1.65 17.75 11.47
N HIS A 194 0.38 17.68 11.08
CA HIS A 194 -0.37 16.43 11.03
C HIS A 194 -0.32 15.76 9.65
N SER A 195 -0.31 14.44 9.66
CA SER A 195 -0.41 13.64 8.46
C SER A 195 -1.54 12.64 8.63
N VAL A 196 -2.20 12.30 7.52
CA VAL A 196 -3.50 11.66 7.54
C VAL A 196 -3.54 10.53 6.52
N THR A 197 -4.07 9.37 6.88
CA THR A 197 -4.29 8.36 5.86
C THR A 197 -5.56 7.56 6.14
N LYS A 198 -6.24 7.17 5.04
CA LYS A 198 -7.57 6.58 5.09
C LYS A 198 -7.41 5.09 4.82
N GLY A 199 -8.46 4.33 5.12
CA GLY A 199 -8.40 2.90 4.89
C GLY A 199 -9.64 2.24 5.44
N ILE A 200 -9.60 0.90 5.49
CA ILE A 200 -10.64 0.14 6.18
C ILE A 200 -10.01 -0.78 7.24
N VAL A 201 -10.89 -1.28 8.10
CA VAL A 201 -10.58 -2.36 9.04
C VAL A 201 -10.45 -3.65 8.26
N SER A 202 -9.23 -4.21 8.20
CA SER A 202 -8.96 -5.41 7.43
C SER A 202 -9.35 -6.66 8.19
N ALA A 203 -9.26 -6.61 9.52
CA ALA A 203 -9.40 -7.80 10.35
C ALA A 203 -9.35 -7.40 11.83
N LYS A 204 -9.89 -8.27 12.68
CA LYS A 204 -9.82 -8.12 14.13
C LYS A 204 -9.48 -9.46 14.75
N GLY A 205 -8.86 -9.41 15.92
CA GLY A 205 -8.63 -10.65 16.63
C GLY A 205 -8.03 -10.42 17.99
N ARG A 206 -7.51 -11.50 18.51
CA ARG A 206 -6.70 -11.48 19.73
C ARG A 206 -5.54 -12.46 19.63
N SER A 207 -5.11 -12.83 18.41
CA SER A 207 -4.22 -13.97 18.24
C SER A 207 -3.35 -13.79 17.01
N LEU A 208 -2.18 -14.41 17.05
CA LEU A 208 -1.23 -14.47 15.95
C LEU A 208 -0.42 -15.75 16.13
N PRO A 209 0.20 -16.27 15.05
CA PRO A 209 1.02 -17.48 15.20
C PRO A 209 2.13 -17.40 16.25
N ASN A 210 2.59 -16.20 16.58
CA ASN A 210 3.66 -16.04 17.56
C ASN A 210 3.22 -15.44 18.90
N ASP A 211 1.96 -15.05 19.06
CA ASP A 211 1.57 -14.45 20.33
C ASP A 211 0.07 -14.59 20.58
N THR A 212 -0.30 -14.78 21.85
CA THR A 212 -1.68 -14.91 22.29
C THR A 212 -2.18 -13.79 23.20
N TYR A 213 -1.35 -12.83 23.60
CA TYR A 213 -1.63 -12.05 24.79
C TYR A 213 -2.17 -10.63 24.52
N VAL A 214 -2.42 -10.27 23.26
CA VAL A 214 -2.96 -8.94 22.99
C VAL A 214 -3.87 -8.94 21.77
N PRO A 215 -5.11 -8.51 21.91
CA PRO A 215 -5.99 -8.41 20.74
C PRO A 215 -5.55 -7.28 19.81
N PHE A 216 -5.97 -7.37 18.55
CA PHE A 216 -5.46 -6.47 17.53
C PHE A 216 -6.56 -6.11 16.55
N ILE A 217 -6.41 -4.95 15.94
CA ILE A 217 -7.12 -4.59 14.72
C ILE A 217 -6.07 -4.48 13.61
N GLN A 218 -6.45 -4.91 12.42
CA GLN A 218 -5.63 -4.75 11.23
C GLN A 218 -6.38 -3.90 10.21
N THR A 219 -5.65 -2.96 9.60
CA THR A 219 -6.20 -2.06 8.59
C THR A 219 -5.25 -1.99 7.41
N ASP A 220 -5.77 -1.52 6.27
CA ASP A 220 -4.96 -1.31 5.08
C ASP A 220 -4.61 0.16 4.88
N VAL A 221 -4.70 0.94 5.95
CA VAL A 221 -4.21 2.31 6.07
C VAL A 221 -2.74 2.36 5.67
N ALA A 222 -2.26 3.48 5.16
CA ALA A 222 -0.86 3.53 4.76
C ALA A 222 0.04 3.56 5.98
N ILE A 223 1.23 2.98 5.81
CA ILE A 223 2.23 2.91 6.87
C ILE A 223 3.18 4.10 6.79
N ASN A 224 3.37 4.79 7.91
CA ASN A 224 4.25 5.94 8.05
C ASN A 224 5.13 5.73 9.28
N PRO A 225 6.41 6.10 9.21
CA PRO A 225 7.18 6.31 10.44
C PRO A 225 6.83 7.67 11.00
N GLY A 226 6.54 7.73 12.30
CA GLY A 226 6.10 8.94 12.93
C GLY A 226 4.61 9.00 13.17
N ASN A 227 3.83 8.15 12.47
CA ASN A 227 2.40 8.03 12.72
C ASN A 227 2.13 7.09 13.90
N SER A 228 3.10 6.24 14.23
CA SER A 228 2.99 5.29 15.31
C SER A 228 2.68 5.98 16.63
N GLY A 229 1.68 5.47 17.34
CA GLY A 229 1.22 6.02 18.60
C GLY A 229 0.05 6.97 18.49
N GLY A 230 -0.23 7.45 17.29
CA GLY A 230 -1.37 8.30 17.07
C GLY A 230 -2.65 7.50 16.95
N PRO A 231 -3.77 8.22 16.93
CA PRO A 231 -5.07 7.56 16.98
C PRO A 231 -5.57 7.09 15.63
N LEU A 232 -6.56 6.20 15.72
CA LEU A 232 -7.24 5.61 14.59
C LEU A 232 -8.72 5.86 14.80
N PHE A 233 -9.31 6.62 13.88
CA PHE A 233 -10.61 7.24 14.01
C PHE A 233 -11.63 6.51 13.17
N ASN A 234 -12.81 6.27 13.74
CA ASN A 234 -13.96 5.91 12.92
C ASN A 234 -14.46 7.17 12.22
N MET A 235 -15.39 7.00 11.28
CA MET A 235 -15.90 8.12 10.49
C MET A 235 -16.65 9.15 11.34
N ALA A 236 -16.98 8.83 12.59
CA ALA A 236 -17.61 9.78 13.48
C ALA A 236 -16.60 10.58 14.30
N GLY A 237 -15.29 10.38 14.10
CA GLY A 237 -14.28 11.07 14.89
C GLY A 237 -13.99 10.47 16.26
N GLU A 238 -14.46 9.26 16.55
CA GLU A 238 -14.13 8.60 17.78
C GLU A 238 -12.91 7.73 17.57
N VAL A 239 -12.02 7.75 18.55
CA VAL A 239 -10.86 6.86 18.52
C VAL A 239 -11.35 5.42 18.70
N VAL A 240 -10.99 4.56 17.76
CA VAL A 240 -11.24 3.13 17.89
C VAL A 240 -9.94 2.36 18.10
N GLY A 241 -8.79 2.98 17.83
CA GLY A 241 -7.57 2.23 18.10
C GLY A 241 -6.37 3.15 18.15
N ILE A 242 -5.26 2.57 18.58
CA ILE A 242 -3.96 3.22 18.57
C ILE A 242 -3.16 2.61 17.45
N ASN A 243 -2.80 3.42 16.49
CA ASN A 243 -2.05 2.97 15.34
C ASN A 243 -0.62 2.63 15.77
N SER A 244 -0.31 1.34 15.94
CA SER A 244 1.04 0.90 16.29
C SER A 244 1.85 0.56 15.04
N GLN A 245 1.24 -0.20 14.11
CA GLN A 245 1.82 -0.69 12.86
C GLN A 245 3.09 -1.56 13.01
N ILE A 246 3.52 -1.87 14.23
CA ILE A 246 4.72 -2.69 14.52
C ILE A 246 4.90 -3.93 13.63
N GLY A 255 1.17 -6.73 3.94
CA GLY A 255 1.69 -5.42 4.34
C GLY A 255 0.66 -4.53 5.02
N LEU A 256 -0.15 -5.13 5.90
CA LEU A 256 -1.19 -4.43 6.62
C LEU A 256 -0.63 -3.84 7.92
N SER A 257 -1.32 -2.82 8.41
CA SER A 257 -0.92 -2.07 9.59
C SER A 257 -1.75 -2.48 10.80
N PHE A 258 -1.13 -2.43 11.97
CA PHE A 258 -1.74 -2.88 13.22
C PHE A 258 -2.11 -1.74 14.15
N ALA A 259 -3.22 -1.90 14.84
CA ALA A 259 -3.61 -0.99 15.91
C ALA A 259 -4.04 -1.78 17.14
N ILE A 260 -3.81 -1.16 18.29
CA ILE A 260 -4.36 -1.66 19.56
C ILE A 260 -5.81 -1.22 19.65
N PRO A 261 -6.76 -2.13 19.87
CA PRO A 261 -8.14 -1.71 20.13
C PRO A 261 -8.22 -0.74 21.31
N ILE A 262 -9.03 0.31 21.13
CA ILE A 262 -9.17 1.33 22.16
C ILE A 262 -9.74 0.75 23.46
N ASP A 263 -10.54 -0.32 23.40
CA ASP A 263 -11.03 -0.95 24.63
C ASP A 263 -9.88 -1.46 25.49
N VAL A 264 -8.96 -2.21 24.87
CA VAL A 264 -7.76 -2.68 25.55
C VAL A 264 -6.86 -1.52 25.99
N ALA A 265 -6.66 -0.53 25.11
CA ALA A 265 -5.75 0.56 25.47
C ALA A 265 -6.29 1.38 26.64
N MET A 266 -7.58 1.64 26.65
CA MET A 266 -8.21 2.35 27.75
C MET A 266 -8.16 1.52 29.04
N ASP A 267 -8.37 0.21 28.94
CA ASP A 267 -8.17 -0.64 30.10
C ASP A 267 -6.76 -0.46 30.67
N VAL A 268 -5.76 -0.59 29.80
CA VAL A 268 -4.39 -0.46 30.24
C VAL A 268 -4.11 0.94 30.75
N ALA A 269 -4.76 1.96 30.18
CA ALA A 269 -4.43 3.31 30.59
C ALA A 269 -5.06 3.63 31.94
N ASN A 270 -6.28 3.14 32.19
CA ASN A 270 -6.85 3.24 33.52
C ASN A 270 -5.90 2.61 34.54
N GLN A 271 -5.39 1.42 34.22
CA GLN A 271 -4.48 0.76 35.15
C GLN A 271 -3.22 1.59 35.36
N LEU A 272 -2.59 2.02 34.27
CA LEU A 272 -1.35 2.79 34.39
C LEU A 272 -1.57 4.09 35.16
N LYS A 273 -2.68 4.76 34.88
CA LYS A 273 -3.00 6.02 35.54
C LYS A 273 -3.25 5.83 37.01
N ALA A 274 -3.76 4.68 37.42
CA ALA A 274 -4.12 4.51 38.82
C ALA A 274 -3.05 3.78 39.64
N ASN A 275 -2.21 2.97 38.99
CA ASN A 275 -1.21 2.17 39.68
C ASN A 275 0.20 2.35 39.13
N GLY A 276 0.36 2.87 37.91
CA GLY A 276 1.68 3.04 37.30
C GLY A 276 2.21 1.83 36.57
N LYS A 277 1.55 0.68 36.67
CA LYS A 277 2.07 -0.56 36.10
C LYS A 277 0.83 -1.42 35.86
N VAL A 278 0.84 -2.24 34.82
CA VAL A 278 -0.21 -3.24 34.67
C VAL A 278 0.27 -4.48 35.39
N SER A 279 -0.52 -5.00 36.30
CA SER A 279 -0.15 -6.20 37.01
C SER A 279 -0.89 -7.34 36.33
N ARG A 280 -0.18 -8.41 35.99
CA ARG A 280 -0.96 -9.35 35.23
C ARG A 280 -0.71 -10.77 35.71
N GLY A 281 -1.80 -11.52 35.83
CA GLY A 281 -1.69 -12.89 36.27
C GLY A 281 -1.08 -13.78 35.20
N TRP A 282 -0.19 -14.67 35.62
CA TRP A 282 0.55 -15.47 34.64
C TRP A 282 0.65 -16.95 35.01
N LEU A 283 0.48 -17.82 34.00
CA LEU A 283 0.76 -19.24 34.12
C LEU A 283 2.04 -19.59 33.36
N GLY A 284 2.81 -20.53 33.91
CA GLY A 284 4.10 -20.84 33.30
C GLY A 284 3.98 -21.47 31.93
N VAL A 285 3.03 -22.39 31.76
CA VAL A 285 2.92 -23.14 30.52
C VAL A 285 2.72 -22.22 29.33
N VAL A 286 3.32 -22.57 28.20
CA VAL A 286 2.99 -21.99 26.91
C VAL A 286 2.13 -22.98 26.15
N ILE A 287 1.08 -22.44 25.53
CA ILE A 287 -0.01 -23.20 24.93
C ILE A 287 0.01 -22.98 23.42
N GLN A 288 -0.72 -23.85 22.73
CA GLN A 288 -0.97 -23.74 21.30
C GLN A 288 -2.43 -24.07 21.05
N GLU A 289 -2.92 -23.71 19.88
CA GLU A 289 -4.32 -23.98 19.59
C GLU A 289 -4.54 -25.48 19.46
N VAL A 290 -5.77 -25.87 19.21
CA VAL A 290 -6.12 -27.27 19.03
C VAL A 290 -6.74 -27.39 17.65
N ASN A 291 -6.01 -28.03 16.73
CA ASN A 291 -6.56 -28.44 15.45
C ASN A 291 -6.86 -29.95 15.52
N LYS A 292 -7.40 -30.48 14.43
CA LYS A 292 -7.80 -31.89 14.40
C LYS A 292 -6.62 -32.83 14.15
N ASP A 293 -5.40 -32.32 13.98
CA ASP A 293 -4.21 -33.15 13.88
C ASP A 293 -3.62 -33.49 15.25
N LEU A 294 -3.67 -32.55 16.19
CA LEU A 294 -3.13 -32.74 17.53
C LEU A 294 -4.20 -33.05 18.57
N ALA A 295 -5.31 -33.68 18.15
CA ALA A 295 -6.46 -33.92 19.03
C ALA A 295 -6.43 -35.29 19.70
N GLU A 296 -5.25 -35.83 19.96
CA GLU A 296 -5.05 -37.09 20.67
C GLU A 296 -4.86 -36.81 22.16
N SER A 297 -4.36 -37.81 22.91
CA SER A 297 -4.22 -37.74 24.37
C SER A 297 -5.54 -37.43 25.06
N PHE A 298 -6.65 -37.66 24.37
CA PHE A 298 -7.95 -37.15 24.77
C PHE A 298 -9.01 -37.74 23.85
N GLY A 299 -10.25 -37.68 24.30
CA GLY A 299 -11.38 -38.07 23.49
C GLY A 299 -12.16 -36.88 22.98
N LEU A 300 -11.52 -35.71 22.92
CA LEU A 300 -12.20 -34.49 22.52
C LEU A 300 -12.39 -34.44 21.01
N ASP A 301 -13.63 -34.20 20.58
CA ASP A 301 -14.02 -34.24 19.18
C ASP A 301 -14.47 -32.87 18.67
N LYS A 302 -14.00 -31.78 19.28
CA LYS A 302 -14.26 -30.43 18.78
C LYS A 302 -12.99 -29.61 18.97
N PRO A 303 -12.31 -29.19 17.89
CA PRO A 303 -11.03 -28.48 18.07
C PRO A 303 -11.23 -27.21 18.89
N ALA A 304 -10.75 -27.24 20.13
CA ALA A 304 -11.02 -26.24 21.15
C ALA A 304 -10.05 -26.47 22.30
N GLY A 305 -10.00 -25.51 23.21
CA GLY A 305 -9.10 -25.63 24.34
C GLY A 305 -7.77 -24.95 24.09
N ALA A 306 -6.82 -25.27 24.98
CA ALA A 306 -5.45 -24.79 24.86
C ALA A 306 -4.51 -25.98 25.05
N LEU A 307 -3.70 -26.25 24.03
CA LEU A 307 -2.77 -27.38 24.03
C LEU A 307 -1.45 -26.91 24.60
N VAL A 308 -1.16 -27.27 25.86
CA VAL A 308 0.11 -26.85 26.45
C VAL A 308 1.23 -27.44 25.60
N ALA A 309 2.05 -26.56 25.03
CA ALA A 309 3.18 -27.04 24.25
C ALA A 309 4.46 -27.11 25.06
N GLN A 310 4.54 -26.37 26.19
CA GLN A 310 5.72 -26.41 27.05
C GLN A 310 5.28 -26.01 28.46
N VAL A 311 5.15 -27.00 29.34
CA VAL A 311 4.90 -26.72 30.76
C VAL A 311 6.22 -26.28 31.40
N LEU A 312 6.13 -25.49 32.46
CA LEU A 312 7.32 -24.87 33.06
C LEU A 312 7.60 -25.38 34.46
N GLU A 313 8.79 -25.02 34.94
CA GLU A 313 9.26 -25.24 36.30
C GLU A 313 9.15 -23.98 37.16
N ASP A 314 8.82 -24.19 38.44
CA ASP A 314 8.67 -23.18 39.49
C ASP A 314 7.50 -22.23 39.24
N GLY A 315 6.81 -22.40 38.12
CA GLY A 315 5.55 -21.74 37.98
C GLY A 315 4.61 -22.40 38.94
N PRO A 316 3.65 -21.65 39.49
CA PRO A 316 2.65 -22.29 40.35
C PRO A 316 1.88 -23.36 39.58
N ALA A 317 1.84 -23.25 38.25
CA ALA A 317 1.28 -24.30 37.43
C ALA A 317 2.01 -25.62 37.65
N ALA A 318 3.34 -25.56 37.85
CA ALA A 318 4.07 -26.78 38.18
C ALA A 318 3.54 -27.37 39.48
N LYS A 319 3.28 -26.51 40.46
CA LYS A 319 2.60 -26.99 41.65
C LYS A 319 1.19 -27.50 41.39
N GLY A 320 0.55 -27.10 40.30
CA GLY A 320 -0.79 -27.61 40.09
C GLY A 320 -0.80 -29.03 39.61
N GLY A 321 0.27 -29.47 38.96
CA GLY A 321 0.34 -30.81 38.43
C GLY A 321 0.06 -30.88 36.95
N VAL A 322 0.73 -30.02 36.18
CA VAL A 322 0.46 -29.88 34.76
C VAL A 322 1.61 -30.53 34.00
N GLN A 323 1.26 -31.25 32.96
CA GLN A 323 2.22 -31.96 32.15
C GLN A 323 2.05 -31.51 30.71
N VAL A 324 3.16 -31.51 29.96
CA VAL A 324 3.09 -31.15 28.55
C VAL A 324 2.16 -32.12 27.83
N GLY A 325 1.32 -31.58 26.95
CA GLY A 325 0.29 -32.37 26.30
C GLY A 325 -1.06 -32.34 26.98
N ASP A 326 -1.30 -31.35 27.85
CA ASP A 326 -2.53 -31.24 28.62
C ASP A 326 -3.44 -30.20 27.95
N VAL A 327 -4.65 -30.60 27.59
CA VAL A 327 -5.62 -29.67 27.01
C VAL A 327 -6.43 -29.01 28.13
N ILE A 328 -6.25 -27.70 28.31
CA ILE A 328 -6.98 -26.94 29.33
C ILE A 328 -8.30 -26.48 28.72
N LEU A 329 -9.41 -27.07 29.19
CA LEU A 329 -10.73 -26.76 28.69
C LEU A 329 -11.49 -25.78 29.56
N SER A 330 -11.16 -25.74 30.87
CA SER A 330 -11.76 -24.81 31.81
C SER A 330 -10.66 -24.01 32.50
N ALA A 331 -10.95 -22.74 32.74
CA ALA A 331 -10.28 -21.93 33.75
C ALA A 331 -11.35 -21.21 34.54
N ASN A 332 -11.36 -21.46 35.84
CA ASN A 332 -12.32 -20.84 36.75
C ASN A 332 -13.73 -20.86 36.18
N GLY A 333 -14.08 -21.91 35.44
CA GLY A 333 -15.40 -22.09 34.89
C GLY A 333 -15.61 -21.57 33.50
N GLN A 334 -14.67 -20.81 32.95
CA GLN A 334 -14.90 -20.19 31.64
C GLN A 334 -14.48 -21.13 30.52
N PRO A 335 -15.36 -21.41 29.56
CA PRO A 335 -14.99 -22.31 28.45
C PRO A 335 -13.82 -21.77 27.66
N ILE A 336 -12.97 -22.68 27.21
CA ILE A 336 -11.83 -22.32 26.37
C ILE A 336 -12.06 -22.97 25.01
N VAL A 337 -12.79 -22.25 24.15
CA VAL A 337 -12.93 -22.61 22.74
C VAL A 337 -11.75 -22.07 21.96
N MET A 338 -11.10 -21.06 22.51
CA MET A 338 -9.97 -20.38 21.91
C MET A 338 -8.77 -20.66 22.79
N SER A 339 -7.60 -20.87 22.18
CA SER A 339 -6.41 -20.90 23.02
C SER A 339 -6.24 -19.55 23.70
N ALA A 340 -6.53 -18.48 22.96
CA ALA A 340 -6.41 -17.12 23.48
C ALA A 340 -7.44 -16.81 24.55
N ASP A 341 -8.49 -17.63 24.67
CA ASP A 341 -9.40 -17.50 25.81
C ASP A 341 -8.63 -17.61 27.12
N LEU A 342 -7.54 -18.40 27.12
CA LEU A 342 -6.79 -18.72 28.33
C LEU A 342 -5.91 -17.57 28.81
N PRO A 343 -4.99 -17.05 27.98
CA PRO A 343 -4.07 -16.02 28.51
C PRO A 343 -4.79 -14.80 29.05
N HIS A 344 -5.69 -14.20 28.25
CA HIS A 344 -6.37 -12.99 28.70
C HIS A 344 -7.07 -13.23 30.03
N LEU A 345 -7.83 -14.33 30.12
CA LEU A 345 -8.46 -14.71 31.37
C LEU A 345 -7.46 -14.67 32.52
N ILE A 346 -6.38 -15.43 32.39
CA ILE A 346 -5.44 -15.51 33.49
C ILE A 346 -4.76 -14.17 33.72
N GLY A 347 -4.57 -13.38 32.66
CA GLY A 347 -3.94 -12.08 32.83
C GLY A 347 -4.72 -11.18 33.77
N ASN A 348 -6.04 -11.18 33.64
CA ASN A 348 -6.88 -10.37 34.51
C ASN A 348 -7.05 -10.98 35.89
N LEU A 349 -6.61 -12.23 36.09
CA LEU A 349 -6.67 -12.84 37.41
C LEU A 349 -5.71 -12.12 38.34
N LYS A 350 -6.12 -11.96 39.60
CA LYS A 350 -5.29 -11.32 40.59
C LYS A 350 -4.21 -12.28 41.07
N ASP A 351 -2.97 -11.80 41.08
CA ASP A 351 -1.85 -12.57 41.61
C ASP A 351 -2.18 -13.11 42.99
N GLY A 352 -1.72 -14.33 43.25
CA GLY A 352 -1.96 -15.01 44.50
C GLY A 352 -3.30 -15.71 44.59
N SER A 353 -4.28 -15.28 43.80
CA SER A 353 -5.57 -15.97 43.79
C SER A 353 -5.42 -17.26 42.99
N LYS A 354 -5.89 -18.35 43.57
CA LYS A 354 -5.79 -19.65 42.93
C LYS A 354 -6.84 -19.75 41.83
N ALA A 355 -6.48 -20.43 40.77
CA ALA A 355 -7.33 -20.67 39.62
C ALA A 355 -7.51 -22.18 39.46
N GLU A 356 -8.76 -22.61 39.35
CA GLU A 356 -9.11 -24.00 39.22
C GLU A 356 -9.35 -24.29 37.74
N LEU A 357 -8.53 -25.19 37.17
CA LEU A 357 -8.56 -25.50 35.75
C LEU A 357 -9.02 -26.93 35.52
N GLU A 358 -9.80 -27.11 34.46
CA GLU A 358 -10.24 -28.44 34.05
C GLU A 358 -9.49 -28.86 32.78
N VAL A 359 -8.77 -29.98 32.88
CA VAL A 359 -7.86 -30.48 31.85
C VAL A 359 -8.18 -31.94 31.52
N ILE A 360 -7.82 -32.36 30.30
CA ILE A 360 -7.90 -33.77 29.89
C ILE A 360 -6.49 -34.30 29.67
N ARG A 361 -6.15 -35.37 30.39
CA ARG A 361 -4.86 -36.03 30.31
C ARG A 361 -5.08 -37.49 29.94
N ASP A 362 -4.60 -37.88 28.75
CA ASP A 362 -4.73 -39.24 28.25
C ASP A 362 -6.18 -39.72 28.35
N GLY A 363 -7.10 -38.88 27.87
CA GLY A 363 -8.51 -39.17 27.88
C GLY A 363 -9.25 -38.98 29.19
N LYS A 364 -8.54 -38.87 30.33
CA LYS A 364 -9.21 -38.72 31.61
C LYS A 364 -9.34 -37.23 31.97
N ARG A 365 -10.49 -36.86 32.51
CA ARG A 365 -10.80 -35.47 32.84
C ARG A 365 -10.55 -35.20 34.33
N GLN A 366 -9.95 -34.05 34.65
CA GLN A 366 -9.55 -33.76 36.03
C GLN A 366 -9.59 -32.26 36.29
N LYS A 367 -9.22 -31.89 37.52
CA LYS A 367 -9.21 -30.50 37.97
C LYS A 367 -8.03 -30.30 38.90
N LEU A 368 -7.26 -29.27 38.60
CA LEU A 368 -6.14 -28.86 39.43
C LEU A 368 -6.03 -27.35 39.54
N THR A 369 -5.64 -26.90 40.74
CA THR A 369 -5.66 -25.50 41.20
C THR A 369 -4.24 -24.96 41.28
N VAL A 370 -4.08 -23.69 40.88
CA VAL A 370 -2.76 -23.07 40.77
C VAL A 370 -2.83 -21.70 41.43
N THR A 371 -1.83 -21.37 42.24
CA THR A 371 -1.79 -20.02 42.81
C THR A 371 -1.16 -19.09 41.78
N VAL A 372 -2.00 -18.39 41.01
CA VAL A 372 -1.47 -17.60 39.89
C VAL A 372 -0.47 -16.56 40.41
N GLY A 373 0.49 -16.22 39.56
CA GLY A 373 1.52 -15.26 39.91
C GLY A 373 1.50 -14.05 38.98
N ALA A 374 2.66 -13.40 38.78
CA ALA A 374 2.82 -12.27 37.87
C ALA A 374 4.11 -12.43 37.09
N LEU A 375 4.23 -11.74 35.96
CA LEU A 375 5.51 -11.75 35.23
C LEU A 375 6.49 -10.81 35.90
N ALA B 31 -17.31 14.98 9.00
CA ALA B 31 -18.76 15.04 8.78
C ALA B 31 -19.19 14.62 7.35
N GLU B 32 -18.83 13.41 6.93
CA GLU B 32 -19.19 12.85 5.62
C GLU B 32 -19.03 11.33 5.69
N ASN B 33 -20.16 10.58 5.57
CA ASN B 33 -20.19 9.12 5.59
C ASN B 33 -20.38 8.49 4.21
N LEU B 34 -19.29 8.04 3.63
CA LEU B 34 -19.39 7.30 2.40
C LEU B 34 -19.80 5.85 2.70
N PRO B 35 -20.25 5.12 1.69
CA PRO B 35 -20.59 3.70 1.89
C PRO B 35 -19.33 2.86 2.11
N ASP B 36 -19.52 1.73 2.77
CA ASP B 36 -18.40 0.88 3.16
C ASP B 36 -18.68 -0.56 2.74
N PHE B 37 -17.76 -1.44 3.07
CA PHE B 37 -17.72 -2.81 2.56
C PHE B 37 -18.17 -3.85 3.59
N THR B 38 -18.82 -3.43 4.70
CA THR B 38 -19.16 -4.38 5.75
C THR B 38 -20.14 -5.44 5.27
N GLY B 39 -21.22 -5.02 4.58
CA GLY B 39 -22.16 -5.98 4.02
C GLY B 39 -21.53 -6.86 2.97
N LEU B 40 -20.68 -6.28 2.13
CA LEU B 40 -19.96 -7.07 1.16
C LEU B 40 -19.06 -8.07 1.85
N VAL B 41 -18.41 -7.67 2.95
CA VAL B 41 -17.57 -8.63 3.66
C VAL B 41 -18.44 -9.78 4.16
N GLU B 42 -19.61 -9.48 4.74
CA GLU B 42 -20.45 -10.54 5.28
C GLU B 42 -20.94 -11.50 4.19
N GLN B 43 -21.39 -10.98 3.04
CA GLN B 43 -21.88 -11.91 2.03
C GLN B 43 -20.74 -12.65 1.34
N ALA B 44 -19.55 -12.05 1.17
CA ALA B 44 -18.56 -12.69 0.30
C ALA B 44 -17.40 -13.38 1.03
N SER B 45 -17.18 -13.12 2.32
CA SER B 45 -16.16 -13.86 3.04
C SER B 45 -16.40 -15.38 3.17
N PRO B 46 -17.62 -15.87 3.41
CA PRO B 46 -17.77 -17.30 3.79
C PRO B 46 -17.05 -18.26 2.87
N ALA B 47 -16.97 -17.96 1.56
CA ALA B 47 -16.37 -18.91 0.60
C ALA B 47 -14.86 -18.82 0.54
N VAL B 48 -14.25 -17.82 1.16
CA VAL B 48 -12.79 -17.67 1.14
C VAL B 48 -12.21 -18.56 2.22
N VAL B 49 -11.18 -19.31 1.85
CA VAL B 49 -10.65 -20.36 2.70
C VAL B 49 -9.13 -20.22 2.83
N ASN B 50 -8.60 -20.86 3.88
CA ASN B 50 -7.16 -20.98 4.10
C ASN B 50 -6.65 -22.29 3.49
N ILE B 51 -5.46 -22.24 2.91
CA ILE B 51 -4.80 -23.41 2.35
C ILE B 51 -3.52 -23.64 3.15
N SER B 52 -3.40 -24.83 3.72
CA SER B 52 -2.29 -25.26 4.55
C SER B 52 -1.71 -26.55 4.02
N THR B 53 -0.56 -26.93 4.57
CA THR B 53 0.10 -28.22 4.40
C THR B 53 0.53 -28.68 5.79
N ARG B 54 1.08 -29.88 5.89
CA ARG B 54 1.38 -30.36 7.25
C ARG B 54 2.77 -30.92 7.47
N GLN B 55 3.39 -31.55 6.47
CA GLN B 55 4.69 -32.16 6.70
C GLN B 55 5.79 -31.09 6.78
N LYS B 56 6.67 -31.23 7.79
CA LYS B 56 7.99 -30.60 7.86
C LYS B 56 8.73 -30.97 9.16
N LEU B 57 10.01 -30.51 9.30
CA LEU B 57 10.70 -30.46 10.59
C LEU B 57 10.49 -29.09 11.23
N PRO B 58 9.99 -29.04 12.47
CA PRO B 58 9.69 -27.86 13.29
C PRO B 58 10.42 -26.58 12.91
N ALA B 105 -0.24 -27.15 10.30
CA ALA B 105 -0.14 -25.89 11.01
C ALA B 105 0.46 -24.83 10.09
N GLN B 106 0.92 -25.20 8.90
CA GLN B 106 1.45 -24.17 8.01
C GLN B 106 0.53 -23.76 6.90
N SER B 107 0.07 -22.55 7.09
CA SER B 107 -0.68 -21.83 6.11
C SER B 107 0.22 -21.63 4.92
N LEU B 108 -0.31 -21.92 3.74
CA LEU B 108 0.35 -21.63 2.48
C LEU B 108 -0.26 -20.40 1.84
N GLY B 109 -1.53 -20.13 2.10
CA GLY B 109 -2.15 -18.98 1.45
C GLY B 109 -3.66 -19.08 1.51
N SER B 110 -4.32 -18.48 0.50
CA SER B 110 -5.78 -18.41 0.45
C SER B 110 -6.33 -19.09 -0.80
N GLY B 111 -7.65 -19.21 -0.83
CA GLY B 111 -8.36 -19.73 -1.99
C GLY B 111 -9.84 -19.49 -1.80
N PHE B 112 -10.64 -19.96 -2.75
CA PHE B 112 -12.07 -19.80 -2.56
C PHE B 112 -12.80 -20.98 -3.18
N ILE B 113 -14.01 -21.20 -2.71
CA ILE B 113 -14.86 -22.27 -3.19
C ILE B 113 -15.71 -21.73 -4.32
N ILE B 114 -15.58 -22.35 -5.51
CA ILE B 114 -16.35 -21.95 -6.68
C ILE B 114 -17.48 -22.90 -6.98
N SER B 115 -17.75 -23.87 -6.09
CA SER B 115 -18.76 -24.90 -6.27
C SER B 115 -19.18 -25.51 -4.94
N PRO B 116 -20.48 -25.72 -4.69
CA PRO B 116 -20.91 -26.19 -3.36
C PRO B 116 -20.52 -27.61 -3.04
N ASP B 117 -19.91 -28.35 -3.96
CA ASP B 117 -19.43 -29.70 -3.68
C ASP B 117 -17.92 -29.75 -3.45
N GLY B 118 -17.24 -28.60 -3.42
CA GLY B 118 -15.92 -28.55 -2.85
C GLY B 118 -14.79 -28.25 -3.79
N TYR B 119 -15.08 -27.76 -5.00
CA TYR B 119 -14.02 -27.30 -5.87
C TYR B 119 -13.53 -25.94 -5.41
N VAL B 120 -12.22 -25.78 -5.34
CA VAL B 120 -11.59 -24.64 -4.71
C VAL B 120 -10.53 -24.13 -5.66
N LEU B 121 -10.47 -22.83 -5.87
CA LEU B 121 -9.44 -22.23 -6.70
C LEU B 121 -8.34 -21.65 -5.83
N THR B 122 -7.15 -21.54 -6.39
CA THR B 122 -6.03 -20.93 -5.68
C THR B 122 -4.94 -20.65 -6.70
N ASN B 123 -3.78 -20.27 -6.22
CA ASN B 123 -2.63 -20.06 -7.06
C ASN B 123 -1.80 -21.32 -7.10
N ASN B 124 -1.20 -21.57 -8.26
CA ASN B 124 -0.23 -22.65 -8.33
C ASN B 124 0.84 -22.49 -7.26
N HIS B 125 1.34 -21.25 -7.06
CA HIS B 125 2.50 -21.05 -6.19
C HIS B 125 2.17 -21.17 -4.72
N VAL B 126 0.90 -21.33 -4.38
CA VAL B 126 0.53 -21.56 -2.99
C VAL B 126 0.67 -23.02 -2.63
N ILE B 127 0.33 -23.92 -3.55
CA ILE B 127 0.40 -25.35 -3.26
C ILE B 127 1.67 -26.01 -3.77
N ASP B 128 2.50 -25.30 -4.52
CA ASP B 128 3.70 -25.93 -5.05
C ASP B 128 4.58 -26.43 -3.91
N GLY B 129 4.95 -27.70 -3.97
CA GLY B 129 5.83 -28.28 -2.98
C GLY B 129 5.14 -28.82 -1.74
N ALA B 130 3.84 -28.57 -1.58
CA ALA B 130 3.10 -29.12 -0.47
C ALA B 130 2.71 -30.56 -0.80
N ASP B 131 2.63 -31.40 0.23
CA ASP B 131 2.20 -32.76 -0.02
C ASP B 131 0.77 -32.99 0.45
N GLU B 132 0.51 -32.85 1.74
CA GLU B 132 -0.87 -32.88 2.21
C GLU B 132 -1.41 -31.45 2.22
N ILE B 133 -2.52 -31.23 1.53
CA ILE B 133 -3.12 -29.91 1.41
C ILE B 133 -4.41 -29.87 2.23
N LEU B 134 -4.50 -28.89 3.14
CA LEU B 134 -5.65 -28.76 4.02
C LEU B 134 -6.37 -27.46 3.72
N VAL B 135 -7.69 -27.52 3.68
CA VAL B 135 -8.54 -26.38 3.39
C VAL B 135 -9.32 -26.08 4.66
N ARG B 136 -9.27 -24.83 5.08
CA ARG B 136 -9.83 -24.42 6.36
C ARG B 136 -10.86 -23.33 6.14
N LEU B 137 -12.09 -23.62 6.53
CA LEU B 137 -13.25 -22.76 6.39
C LEU B 137 -13.38 -21.85 7.61
N SER B 138 -14.28 -20.87 7.49
CA SER B 138 -14.51 -19.90 8.56
C SER B 138 -15.26 -20.51 9.73
N ASP B 139 -16.10 -21.52 9.45
CA ASP B 139 -16.76 -22.26 10.52
C ASP B 139 -15.78 -23.12 11.29
N ARG B 140 -14.50 -23.01 10.94
CA ARG B 140 -13.36 -23.68 11.53
C ARG B 140 -13.27 -25.17 11.20
N SER B 141 -14.11 -25.69 10.30
CA SER B 141 -13.90 -27.04 9.79
C SER B 141 -12.62 -27.11 8.95
N GLU B 142 -11.95 -28.25 9.02
CA GLU B 142 -10.69 -28.50 8.32
C GLU B 142 -10.88 -29.73 7.44
N LEU B 143 -10.57 -29.61 6.14
CA LEU B 143 -10.88 -30.67 5.18
C LEU B 143 -9.66 -31.02 4.34
N LYS B 144 -9.55 -32.31 3.98
CA LYS B 144 -8.46 -32.77 3.14
C LYS B 144 -8.75 -32.47 1.67
N ALA B 145 -7.71 -32.07 0.97
CA ALA B 145 -7.84 -31.58 -0.39
C ALA B 145 -7.06 -32.48 -1.32
N LYS B 146 -7.70 -32.88 -2.39
CA LYS B 146 -7.00 -33.57 -3.46
C LYS B 146 -6.70 -32.53 -4.52
N LEU B 147 -5.50 -32.64 -5.10
CA LEU B 147 -5.07 -31.68 -6.10
C LEU B 147 -5.71 -32.08 -7.43
N VAL B 148 -6.73 -31.33 -7.86
CA VAL B 148 -7.39 -31.63 -9.12
C VAL B 148 -6.48 -31.30 -10.29
N GLY B 149 -5.80 -30.17 -10.23
CA GLY B 149 -4.85 -29.84 -11.30
C GLY B 149 -4.25 -28.47 -11.14
N THR B 150 -3.11 -28.21 -11.79
CA THR B 150 -2.47 -26.90 -11.67
C THR B 150 -1.85 -26.47 -12.99
N ASP B 151 -1.76 -25.17 -13.16
CA ASP B 151 -1.18 -24.53 -14.35
C ASP B 151 -0.26 -23.43 -13.85
N PRO B 152 1.05 -23.71 -13.75
CA PRO B 152 1.99 -22.68 -13.29
C PRO B 152 2.00 -21.43 -14.14
N ARG B 153 1.79 -21.58 -15.45
CA ARG B 153 1.93 -20.46 -16.37
C ARG B 153 0.92 -19.36 -16.08
N THR B 154 -0.33 -19.72 -15.80
CA THR B 154 -1.27 -18.75 -15.27
C THR B 154 -1.28 -18.74 -13.76
N ASP B 155 -0.55 -19.64 -13.10
CA ASP B 155 -0.55 -19.71 -11.65
C ASP B 155 -1.97 -19.97 -11.13
N VAL B 156 -2.63 -20.97 -11.70
CA VAL B 156 -3.98 -21.34 -11.26
C VAL B 156 -3.96 -22.78 -10.79
N ALA B 157 -4.57 -23.04 -9.64
CA ALA B 157 -4.67 -24.39 -9.12
C ALA B 157 -6.11 -24.66 -8.75
N VAL B 158 -6.52 -25.92 -8.95
CA VAL B 158 -7.84 -26.40 -8.60
C VAL B 158 -7.67 -27.55 -7.62
N LEU B 159 -8.31 -27.43 -6.45
CA LEU B 159 -8.35 -28.46 -5.43
C LEU B 159 -9.79 -28.95 -5.29
N LYS B 160 -9.92 -30.15 -4.70
CA LYS B 160 -11.22 -30.73 -4.36
C LYS B 160 -11.21 -31.16 -2.91
N ILE B 161 -12.24 -30.74 -2.16
CA ILE B 161 -12.51 -31.23 -0.82
C ILE B 161 -13.91 -31.85 -0.82
N GLU B 162 -14.36 -32.36 0.34
CA GLU B 162 -15.59 -33.12 0.45
C GLU B 162 -16.61 -32.40 1.32
N GLY B 163 -17.65 -31.89 0.69
CA GLY B 163 -18.78 -31.35 1.43
C GLY B 163 -19.97 -31.27 0.50
N LYS B 164 -21.09 -30.85 1.06
CA LYS B 164 -22.31 -30.63 0.32
C LYS B 164 -22.82 -29.25 0.67
N ASP B 165 -23.26 -28.51 -0.35
CA ASP B 165 -23.74 -27.14 -0.19
C ASP B 165 -22.76 -26.30 0.66
N LEU B 166 -21.49 -26.36 0.27
CA LEU B 166 -20.49 -25.49 0.87
C LEU B 166 -20.77 -24.04 0.44
N PRO B 167 -20.39 -23.05 1.26
CA PRO B 167 -20.54 -21.66 0.83
C PRO B 167 -19.76 -21.43 -0.46
N THR B 168 -20.44 -20.89 -1.45
CA THR B 168 -19.87 -20.82 -2.78
C THR B 168 -19.81 -19.37 -3.26
N ALA B 169 -18.69 -19.01 -3.87
CA ALA B 169 -18.51 -17.64 -4.34
C ALA B 169 -19.14 -17.47 -5.72
N LYS B 170 -19.96 -16.44 -5.90
CA LYS B 170 -20.41 -16.06 -7.22
C LYS B 170 -19.24 -15.58 -8.08
N LEU B 171 -19.24 -15.97 -9.35
CA LEU B 171 -18.23 -15.55 -10.30
C LEU B 171 -18.77 -14.48 -11.23
N GLY B 172 -17.90 -13.54 -11.60
CA GLY B 172 -18.27 -12.46 -12.49
C GLY B 172 -17.52 -12.48 -13.80
N ASN B 173 -17.51 -11.35 -14.52
CA ASN B 173 -16.82 -11.22 -15.80
C ASN B 173 -15.65 -10.28 -15.61
N SER B 174 -14.45 -10.72 -15.96
CA SER B 174 -13.35 -9.77 -15.84
C SER B 174 -13.18 -8.91 -17.07
N ASN B 175 -13.77 -9.29 -18.21
CA ASN B 175 -13.54 -8.46 -19.39
C ASN B 175 -14.32 -7.15 -19.29
N THR B 176 -15.37 -7.10 -18.48
CA THR B 176 -16.15 -5.88 -18.30
C THR B 176 -15.67 -5.06 -17.11
N LEU B 177 -14.62 -5.48 -16.43
CA LEU B 177 -14.04 -4.68 -15.35
C LEU B 177 -13.39 -3.43 -15.96
N LYS B 178 -13.72 -2.26 -15.39
CA LYS B 178 -13.22 -0.98 -15.84
C LYS B 178 -12.19 -0.43 -14.87
N VAL B 179 -11.12 0.13 -15.41
CA VAL B 179 -10.14 0.83 -14.59
C VAL B 179 -10.81 1.95 -13.81
N GLY B 180 -10.56 2.00 -12.50
CA GLY B 180 -11.27 2.89 -11.59
C GLY B 180 -12.38 2.26 -10.76
N GLU B 181 -12.81 1.05 -11.08
CA GLU B 181 -13.84 0.38 -10.30
C GLU B 181 -13.28 -0.02 -8.94
N TRP B 182 -14.14 0.01 -7.93
CA TRP B 182 -13.75 -0.44 -6.60
C TRP B 182 -13.72 -1.97 -6.57
N VAL B 183 -12.71 -2.52 -5.89
CA VAL B 183 -12.63 -3.96 -5.66
C VAL B 183 -12.22 -4.23 -4.23
N LEU B 184 -12.48 -5.48 -3.82
CA LEU B 184 -12.25 -5.96 -2.46
C LEU B 184 -11.56 -7.31 -2.52
N ALA B 185 -10.33 -7.37 -2.06
CA ALA B 185 -9.65 -8.65 -1.90
C ALA B 185 -10.03 -9.26 -0.55
N ILE B 186 -10.38 -10.53 -0.56
CA ILE B 186 -10.57 -11.21 0.72
C ILE B 186 -9.65 -12.41 0.77
N GLY B 187 -8.94 -12.55 1.88
CA GLY B 187 -8.04 -13.65 2.09
C GLY B 187 -8.35 -14.32 3.41
N SER B 188 -7.64 -15.41 3.63
CA SER B 188 -7.66 -16.11 4.90
C SER B 188 -6.22 -16.45 5.22
N PRO B 189 -5.46 -15.48 5.69
CA PRO B 189 -3.99 -15.61 5.64
C PRO B 189 -3.39 -16.58 6.66
N PHE B 190 -3.88 -16.62 7.91
CA PHE B 190 -3.21 -17.41 8.95
C PHE B 190 -4.26 -18.09 9.83
N GLY B 191 -4.81 -19.21 9.38
CA GLY B 191 -5.82 -19.86 10.16
C GLY B 191 -7.22 -19.60 9.63
N PHE B 192 -8.20 -19.81 10.50
CA PHE B 192 -9.58 -19.78 10.06
C PHE B 192 -10.12 -18.37 9.82
N ASP B 193 -9.40 -17.33 10.22
CA ASP B 193 -9.93 -15.97 10.20
C ASP B 193 -9.62 -15.27 8.87
N HIS B 194 -10.56 -14.42 8.44
CA HIS B 194 -10.44 -13.69 7.18
C HIS B 194 -9.82 -12.31 7.35
N SER B 195 -9.11 -11.88 6.31
CA SER B 195 -8.56 -10.54 6.22
C SER B 195 -9.01 -9.89 4.91
N VAL B 196 -9.17 -8.58 4.90
CA VAL B 196 -9.92 -7.87 3.87
C VAL B 196 -9.20 -6.60 3.45
N THR B 197 -9.10 -6.34 2.14
CA THR B 197 -8.53 -5.07 1.73
C THR B 197 -9.20 -4.53 0.47
N LYS B 198 -9.34 -3.20 0.45
CA LYS B 198 -10.09 -2.48 -0.56
C LYS B 198 -9.13 -1.75 -1.49
N GLY B 199 -9.65 -1.37 -2.65
CA GLY B 199 -8.83 -0.67 -3.62
C GLY B 199 -9.61 -0.43 -4.89
N ILE B 200 -8.91 0.00 -5.93
CA ILE B 200 -9.51 0.13 -7.25
C ILE B 200 -8.74 -0.69 -8.29
N VAL B 201 -9.37 -0.89 -9.44
CA VAL B 201 -8.70 -1.45 -10.60
C VAL B 201 -7.76 -0.40 -11.19
N SER B 202 -6.45 -0.66 -11.12
CA SER B 202 -5.40 0.24 -11.58
C SER B 202 -5.11 0.10 -13.05
N ALA B 203 -5.27 -1.11 -13.59
CA ALA B 203 -4.84 -1.38 -14.97
C ALA B 203 -5.26 -2.79 -15.36
N LYS B 204 -5.39 -3.01 -16.66
CA LYS B 204 -5.65 -4.31 -17.23
C LYS B 204 -4.75 -4.48 -18.44
N GLY B 205 -4.46 -5.72 -18.76
CA GLY B 205 -3.78 -6.03 -19.99
C GLY B 205 -3.66 -7.51 -20.16
N ARG B 206 -2.75 -7.88 -21.04
CA ARG B 206 -2.25 -9.24 -21.28
C ARG B 206 -0.76 -9.27 -21.63
N SER B 207 -0.02 -8.22 -21.24
CA SER B 207 1.35 -8.06 -21.69
C SER B 207 2.15 -7.29 -20.65
N LEU B 208 3.46 -7.56 -20.60
CA LEU B 208 4.43 -6.84 -19.78
C LEU B 208 5.80 -7.01 -20.43
N PRO B 209 6.75 -6.11 -20.15
CA PRO B 209 8.12 -6.34 -20.64
C PRO B 209 8.75 -7.66 -20.19
N ASN B 210 8.17 -8.34 -19.19
CA ASN B 210 8.71 -9.62 -18.74
C ASN B 210 7.93 -10.83 -19.26
N ASP B 211 6.81 -10.64 -19.94
CA ASP B 211 6.06 -11.75 -20.49
C ASP B 211 5.17 -11.23 -21.61
N THR B 212 4.97 -12.06 -22.63
CA THR B 212 4.09 -11.74 -23.73
C THR B 212 2.84 -12.60 -23.72
N TYR B 213 2.54 -13.29 -22.62
CA TYR B 213 1.30 -14.07 -22.61
C TYR B 213 0.30 -13.63 -21.56
N VAL B 214 0.62 -13.70 -20.26
CA VAL B 214 -0.45 -13.76 -19.26
C VAL B 214 -1.26 -12.48 -19.17
N PRO B 215 -2.57 -12.54 -19.36
CA PRO B 215 -3.39 -11.36 -19.12
C PRO B 215 -3.46 -11.06 -17.64
N PHE B 216 -3.70 -9.80 -17.31
CA PHE B 216 -3.56 -9.41 -15.93
C PHE B 216 -4.53 -8.31 -15.58
N ILE B 217 -4.90 -8.28 -14.31
CA ILE B 217 -5.47 -7.11 -13.68
C ILE B 217 -4.48 -6.61 -12.64
N GLN B 218 -4.38 -5.29 -12.51
CA GLN B 218 -3.61 -4.61 -11.50
C GLN B 218 -4.54 -3.78 -10.66
N THR B 219 -4.35 -3.85 -9.35
CA THR B 219 -5.13 -3.09 -8.38
C THR B 219 -4.18 -2.50 -7.35
N ASP B 220 -4.65 -1.50 -6.60
CA ASP B 220 -3.88 -0.89 -5.53
C ASP B 220 -4.33 -1.34 -4.12
N VAL B 221 -5.03 -2.48 -4.02
CA VAL B 221 -5.29 -3.09 -2.71
C VAL B 221 -3.98 -3.34 -1.99
N ALA B 222 -4.07 -3.49 -0.68
CA ALA B 222 -2.85 -3.74 0.07
C ALA B 222 -2.31 -5.11 -0.28
N ILE B 223 -1.01 -5.22 -0.24
CA ILE B 223 -0.33 -6.49 -0.47
C ILE B 223 -0.16 -7.18 0.87
N ASN B 224 -0.57 -8.44 0.94
CA ASN B 224 -0.51 -9.17 2.20
C ASN B 224 0.16 -10.51 2.00
N PRO B 225 0.93 -10.98 2.97
CA PRO B 225 1.28 -12.40 2.99
C PRO B 225 0.07 -13.20 3.50
N GLY B 226 -0.28 -14.25 2.76
CA GLY B 226 -1.43 -15.08 3.09
C GLY B 226 -2.68 -14.79 2.29
N ASN B 227 -2.76 -13.62 1.64
CA ASN B 227 -3.92 -13.31 0.81
C ASN B 227 -3.82 -13.88 -0.59
N SER B 228 -2.61 -14.20 -1.04
CA SER B 228 -2.39 -14.75 -2.37
C SER B 228 -3.19 -16.02 -2.58
N GLY B 229 -3.91 -16.10 -3.70
CA GLY B 229 -4.79 -17.22 -4.01
C GLY B 229 -6.24 -16.97 -3.66
N GLY B 230 -6.52 -15.95 -2.85
CA GLY B 230 -7.88 -15.57 -2.53
C GLY B 230 -8.49 -14.73 -3.64
N PRO B 231 -9.80 -14.54 -3.51
CA PRO B 231 -10.55 -13.87 -4.57
C PRO B 231 -10.50 -12.36 -4.48
N LEU B 232 -10.85 -11.77 -5.62
CA LEU B 232 -10.92 -10.34 -5.80
C LEU B 232 -12.32 -10.03 -6.28
N PHE B 233 -13.06 -9.24 -5.49
CA PHE B 233 -14.50 -9.05 -5.63
C PHE B 233 -14.81 -7.69 -6.19
N ASN B 234 -15.74 -7.65 -7.13
CA ASN B 234 -16.38 -6.38 -7.47
C ASN B 234 -17.39 -6.04 -6.38
N MET B 235 -17.91 -4.80 -6.43
CA MET B 235 -18.79 -4.33 -5.36
C MET B 235 -20.10 -5.11 -5.28
N ALA B 236 -20.43 -5.89 -6.29
CA ALA B 236 -21.60 -6.75 -6.23
C ALA B 236 -21.32 -8.12 -5.61
N GLY B 237 -20.10 -8.37 -5.16
CA GLY B 237 -19.76 -9.68 -4.59
C GLY B 237 -19.44 -10.79 -5.58
N GLU B 238 -19.24 -10.48 -6.85
CA GLU B 238 -18.82 -11.46 -7.83
C GLU B 238 -17.30 -11.47 -7.94
N VAL B 239 -16.73 -12.66 -8.04
CA VAL B 239 -15.29 -12.76 -8.22
C VAL B 239 -14.93 -12.24 -9.60
N VAL B 240 -14.04 -11.26 -9.65
CA VAL B 240 -13.48 -10.79 -10.91
C VAL B 240 -12.02 -11.20 -11.06
N GLY B 241 -11.37 -11.65 -9.99
CA GLY B 241 -10.00 -12.11 -10.21
C GLY B 241 -9.52 -12.99 -9.09
N ILE B 242 -8.33 -13.56 -9.29
CA ILE B 242 -7.64 -14.29 -8.24
C ILE B 242 -6.49 -13.42 -7.81
N ASN B 243 -6.52 -13.00 -6.56
CA ASN B 243 -5.51 -12.11 -6.04
C ASN B 243 -4.23 -12.92 -5.94
N SER B 244 -3.37 -12.79 -6.94
CA SER B 244 -2.14 -13.55 -6.99
C SER B 244 -0.92 -12.78 -6.52
N GLN B 245 -0.90 -11.46 -6.70
CA GLN B 245 0.27 -10.59 -6.50
C GLN B 245 1.61 -11.26 -6.14
N LEU B 256 2.03 -2.13 -6.45
CA LEU B 256 0.73 -2.60 -6.94
C LEU B 256 0.61 -4.13 -6.94
N SER B 257 -0.64 -4.57 -6.87
CA SER B 257 -1.00 -5.96 -6.74
C SER B 257 -1.54 -6.52 -8.06
N PHE B 258 -1.25 -7.79 -8.31
CA PHE B 258 -1.69 -8.46 -9.51
C PHE B 258 -2.76 -9.51 -9.21
N ALA B 259 -3.70 -9.63 -10.12
CA ALA B 259 -4.68 -10.69 -10.08
C ALA B 259 -4.79 -11.34 -11.46
N ILE B 260 -5.11 -12.63 -11.46
CA ILE B 260 -5.50 -13.30 -12.70
C ILE B 260 -6.96 -12.96 -12.97
N PRO B 261 -7.30 -12.43 -14.15
CA PRO B 261 -8.71 -12.18 -14.48
C PRO B 261 -9.50 -13.46 -14.36
N ILE B 262 -10.71 -13.35 -13.78
CA ILE B 262 -11.50 -14.56 -13.54
C ILE B 262 -11.85 -15.30 -14.84
N ASP B 263 -11.97 -14.61 -15.97
CA ASP B 263 -12.25 -15.30 -17.24
C ASP B 263 -11.15 -16.31 -17.58
N VAL B 264 -9.91 -15.85 -17.54
CA VAL B 264 -8.77 -16.72 -17.79
C VAL B 264 -8.71 -17.83 -16.76
N ALA B 265 -8.95 -17.50 -15.48
CA ALA B 265 -8.85 -18.52 -14.45
C ALA B 265 -9.90 -19.62 -14.62
N MET B 266 -11.13 -19.23 -14.93
CA MET B 266 -12.19 -20.21 -15.13
C MET B 266 -11.91 -21.07 -16.37
N ASP B 267 -11.40 -20.44 -17.43
CA ASP B 267 -10.94 -21.19 -18.58
C ASP B 267 -9.92 -22.25 -18.16
N VAL B 268 -8.88 -21.82 -17.46
CA VAL B 268 -7.84 -22.73 -17.00
C VAL B 268 -8.40 -23.77 -16.06
N ALA B 269 -9.41 -23.41 -15.26
CA ALA B 269 -9.91 -24.35 -14.27
C ALA B 269 -10.80 -25.40 -14.90
N ASN B 270 -11.62 -25.02 -15.87
CA ASN B 270 -12.35 -26.00 -16.67
C ASN B 270 -11.39 -26.99 -17.30
N GLN B 271 -10.30 -26.47 -17.87
CA GLN B 271 -9.34 -27.36 -18.49
C GLN B 271 -8.73 -28.31 -17.48
N LEU B 272 -8.29 -27.79 -16.33
CA LEU B 272 -7.68 -28.65 -15.30
C LEU B 272 -8.67 -29.69 -14.79
N LYS B 273 -9.92 -29.27 -14.58
CA LYS B 273 -10.95 -30.13 -14.04
C LYS B 273 -11.29 -31.29 -14.97
N ALA B 274 -11.23 -31.05 -16.27
CA ALA B 274 -11.64 -32.09 -17.21
C ALA B 274 -10.48 -32.90 -17.75
N ASN B 275 -9.27 -32.34 -17.75
CA ASN B 275 -8.12 -32.99 -18.32
C ASN B 275 -6.96 -33.14 -17.36
N GLY B 276 -6.96 -32.41 -16.24
CA GLY B 276 -5.85 -32.45 -15.31
C GLY B 276 -4.70 -31.56 -15.68
N LYS B 277 -4.69 -31.01 -16.89
CA LYS B 277 -3.57 -30.19 -17.34
C LYS B 277 -4.06 -29.29 -18.45
N VAL B 278 -3.47 -28.10 -18.56
CA VAL B 278 -3.77 -27.20 -19.65
C VAL B 278 -2.82 -27.52 -20.79
N SER B 279 -3.38 -27.71 -21.98
CA SER B 279 -2.60 -27.93 -23.20
C SER B 279 -2.54 -26.63 -23.98
N ARG B 280 -1.35 -26.28 -24.46
CA ARG B 280 -1.12 -25.03 -25.16
C ARG B 280 -0.27 -25.26 -26.40
N GLY B 281 -0.69 -24.66 -27.51
CA GLY B 281 0.06 -24.77 -28.74
C GLY B 281 1.38 -24.02 -28.65
N TRP B 282 2.38 -24.50 -29.37
CA TRP B 282 3.75 -24.03 -29.18
C TRP B 282 4.19 -23.07 -30.27
N LEU B 283 4.83 -21.99 -29.82
CA LEU B 283 5.34 -20.92 -30.69
C LEU B 283 6.49 -21.37 -31.59
N GLY B 284 7.62 -21.76 -31.01
CA GLY B 284 8.82 -22.02 -31.76
C GLY B 284 9.74 -20.84 -31.92
N VAL B 285 9.39 -19.68 -31.36
CA VAL B 285 10.14 -18.44 -31.49
C VAL B 285 9.64 -17.47 -30.43
N VAL B 286 10.54 -16.70 -29.82
CA VAL B 286 10.13 -15.61 -28.94
C VAL B 286 10.16 -14.31 -29.73
N ILE B 287 9.14 -13.50 -29.50
CA ILE B 287 8.82 -12.35 -30.32
C ILE B 287 9.05 -11.07 -29.52
N GLN B 288 9.11 -9.96 -30.24
CA GLN B 288 9.24 -8.63 -29.66
C GLN B 288 8.28 -7.69 -30.37
N GLU B 289 7.99 -6.57 -29.73
CA GLU B 289 7.00 -5.63 -30.27
C GLU B 289 7.52 -4.93 -31.53
N VAL B 290 6.68 -4.08 -32.10
CA VAL B 290 7.03 -3.28 -33.27
C VAL B 290 6.73 -1.82 -32.92
N ASN B 291 7.78 -1.05 -32.63
CA ASN B 291 7.60 0.40 -32.51
C ASN B 291 7.89 1.03 -33.87
N LYS B 292 8.05 2.36 -33.91
CA LYS B 292 8.30 3.05 -35.17
C LYS B 292 9.65 2.68 -35.76
N ASP B 293 10.69 2.58 -34.92
CA ASP B 293 12.04 2.35 -35.43
C ASP B 293 12.18 0.99 -36.11
N LEU B 294 11.69 -0.07 -35.46
CA LEU B 294 11.77 -1.39 -36.07
C LEU B 294 10.79 -1.57 -37.22
N ALA B 295 9.76 -0.73 -37.30
CA ALA B 295 8.88 -0.73 -38.47
C ALA B 295 9.54 -0.05 -39.66
N GLU B 296 10.38 0.96 -39.41
CA GLU B 296 11.22 1.51 -40.46
C GLU B 296 12.39 0.58 -40.81
N SER B 297 12.78 -0.30 -39.89
CA SER B 297 13.99 -1.10 -40.08
C SER B 297 13.86 -2.02 -41.30
N PHE B 298 12.80 -2.81 -41.38
CA PHE B 298 12.68 -3.86 -42.39
C PHE B 298 11.51 -3.62 -43.34
N GLY B 299 11.20 -2.35 -43.61
CA GLY B 299 10.18 -2.02 -44.59
C GLY B 299 8.75 -2.13 -44.12
N LEU B 300 8.53 -2.22 -42.81
CA LEU B 300 7.20 -2.43 -42.24
C LEU B 300 6.44 -1.12 -42.20
N ASP B 301 5.52 -0.93 -43.15
CA ASP B 301 4.67 0.25 -43.14
C ASP B 301 3.68 0.15 -41.98
N LYS B 302 3.68 1.17 -41.12
CA LYS B 302 2.80 1.22 -39.95
C LYS B 302 2.95 -0.04 -39.09
N ALA B 304 2.57 -2.69 -35.82
CA ALA B 304 1.68 -3.85 -35.71
C ALA B 304 2.46 -5.15 -35.84
N GLY B 305 1.75 -6.28 -35.80
CA GLY B 305 2.40 -7.57 -35.94
C GLY B 305 3.22 -7.95 -34.73
N ALA B 306 4.04 -8.98 -34.92
CA ALA B 306 5.00 -9.44 -33.92
C ALA B 306 6.33 -9.68 -34.61
N LEU B 307 7.36 -8.95 -34.19
CA LEU B 307 8.69 -9.04 -34.82
C LEU B 307 9.47 -10.13 -34.10
N VAL B 308 9.63 -11.28 -34.76
CA VAL B 308 10.33 -12.39 -34.14
C VAL B 308 11.73 -11.93 -33.75
N ALA B 309 12.02 -11.98 -32.46
CA ALA B 309 13.32 -11.58 -31.94
C ALA B 309 14.26 -12.76 -31.77
N GLN B 310 13.74 -13.98 -31.70
CA GLN B 310 14.58 -15.16 -31.51
C GLN B 310 13.80 -16.35 -32.09
N VAL B 311 14.12 -16.76 -33.30
CA VAL B 311 13.56 -18.02 -33.79
C VAL B 311 14.34 -19.18 -33.17
N LEU B 312 13.69 -20.33 -33.09
CA LEU B 312 14.25 -21.47 -32.37
C LEU B 312 14.66 -22.56 -33.34
N GLU B 313 15.38 -23.53 -32.79
CA GLU B 313 15.72 -24.79 -33.45
C GLU B 313 14.73 -25.85 -33.03
N ASP B 314 14.33 -26.70 -33.99
CA ASP B 314 13.37 -27.77 -33.74
C ASP B 314 12.01 -27.21 -33.33
N GLY B 315 11.90 -25.89 -33.26
CA GLY B 315 10.63 -25.25 -33.07
C GLY B 315 9.81 -25.52 -34.30
N PRO B 316 8.50 -25.62 -34.13
CA PRO B 316 7.64 -25.85 -35.32
C PRO B 316 7.79 -24.76 -36.36
N ALA B 317 8.10 -23.53 -35.92
CA ALA B 317 8.37 -22.44 -36.85
C ALA B 317 9.59 -22.74 -37.73
N ALA B 318 10.63 -23.34 -37.13
CA ALA B 318 11.82 -23.69 -37.90
C ALA B 318 11.50 -24.68 -39.01
N LYS B 319 10.68 -25.70 -38.71
CA LYS B 319 10.20 -26.60 -39.75
C LYS B 319 9.37 -25.86 -40.81
N GLY B 320 8.81 -24.70 -40.45
CA GLY B 320 8.01 -23.91 -41.36
C GLY B 320 8.82 -22.93 -42.19
N GLY B 321 9.98 -22.53 -41.69
CA GLY B 321 10.81 -21.58 -42.42
C GLY B 321 10.74 -20.14 -41.95
N VAL B 322 10.92 -19.91 -40.66
CA VAL B 322 10.77 -18.60 -40.06
C VAL B 322 12.16 -18.11 -39.67
N GLN B 323 12.64 -17.08 -40.35
CA GLN B 323 13.95 -16.54 -40.04
C GLN B 323 13.75 -15.33 -39.14
N VAL B 324 14.69 -15.13 -38.21
CA VAL B 324 14.55 -14.07 -37.24
C VAL B 324 14.55 -12.71 -37.92
N GLY B 325 13.84 -11.75 -37.31
CA GLY B 325 13.52 -10.49 -37.97
C GLY B 325 12.22 -10.50 -38.74
N ASP B 326 11.33 -11.46 -38.48
CA ASP B 326 10.08 -11.66 -39.22
C ASP B 326 8.92 -11.04 -38.48
N VAL B 327 8.18 -10.14 -39.15
CA VAL B 327 6.97 -9.58 -38.57
C VAL B 327 5.78 -10.43 -38.98
N ILE B 328 5.21 -11.16 -38.02
CA ILE B 328 4.02 -11.97 -38.25
C ILE B 328 2.81 -11.08 -38.01
N LEU B 329 2.10 -10.74 -39.09
CA LEU B 329 0.97 -9.83 -38.98
C LEU B 329 -0.35 -10.56 -38.80
N SER B 330 -0.49 -11.75 -39.39
CA SER B 330 -1.64 -12.59 -39.13
C SER B 330 -1.15 -14.00 -38.93
N ALA B 331 -1.92 -14.77 -38.17
CA ALA B 331 -1.81 -16.23 -38.16
C ALA B 331 -3.21 -16.80 -38.33
N ASN B 332 -3.37 -17.72 -39.27
CA ASN B 332 -4.67 -18.32 -39.56
C ASN B 332 -5.77 -17.26 -39.73
N GLY B 333 -5.39 -16.09 -40.27
CA GLY B 333 -6.33 -15.03 -40.56
C GLY B 333 -6.52 -13.99 -39.48
N GLN B 334 -6.01 -14.23 -38.28
CA GLN B 334 -6.29 -13.29 -37.20
C GLN B 334 -5.26 -12.18 -37.18
N PRO B 335 -5.70 -10.91 -37.23
CA PRO B 335 -4.74 -9.79 -37.20
C PRO B 335 -3.90 -9.80 -35.92
N ILE B 336 -2.65 -9.39 -36.07
CA ILE B 336 -1.72 -9.25 -34.95
C ILE B 336 -1.42 -7.77 -34.81
N VAL B 337 -2.19 -7.08 -33.96
CA VAL B 337 -1.90 -5.67 -33.68
C VAL B 337 -0.75 -5.53 -32.70
N MET B 338 -0.63 -6.45 -31.76
CA MET B 338 0.43 -6.44 -30.78
C MET B 338 0.99 -7.87 -30.68
N SER B 339 2.25 -7.99 -30.26
CA SER B 339 2.90 -9.31 -30.27
C SER B 339 2.14 -10.34 -29.44
N ALA B 340 1.60 -9.94 -28.28
CA ALA B 340 0.92 -10.90 -27.42
C ALA B 340 -0.39 -11.43 -28.02
N ASP B 341 -0.92 -10.80 -29.07
CA ASP B 341 -2.03 -11.43 -29.78
C ASP B 341 -1.64 -12.82 -30.27
N LEU B 342 -0.34 -13.03 -30.54
CA LEU B 342 0.18 -14.24 -31.17
C LEU B 342 0.25 -15.46 -30.26
N PRO B 343 0.98 -15.43 -29.13
CA PRO B 343 1.11 -16.64 -28.31
C PRO B 343 -0.26 -17.09 -27.92
N HIS B 344 -1.04 -16.08 -27.56
CA HIS B 344 -2.39 -16.21 -27.07
C HIS B 344 -3.19 -17.07 -28.04
N LEU B 345 -3.19 -16.66 -29.31
CA LEU B 345 -3.74 -17.46 -30.40
C LEU B 345 -3.16 -18.87 -30.44
N ILE B 346 -1.83 -18.95 -30.54
CA ILE B 346 -1.18 -20.23 -30.64
C ILE B 346 -1.48 -21.07 -29.41
N GLY B 347 -1.64 -20.42 -28.25
CA GLY B 347 -1.93 -21.18 -27.06
C GLY B 347 -3.22 -21.96 -27.19
N ASN B 348 -4.24 -21.34 -27.78
CA ASN B 348 -5.50 -22.06 -27.91
C ASN B 348 -5.50 -23.05 -29.07
N LEU B 349 -4.51 -23.02 -29.94
CA LEU B 349 -4.47 -24.01 -31.01
C LEU B 349 -4.12 -25.38 -30.46
N LYS B 350 -4.78 -26.41 -31.01
CA LYS B 350 -4.51 -27.79 -30.65
C LYS B 350 -3.22 -28.26 -31.29
N ASP B 351 -2.36 -28.91 -30.51
CA ASP B 351 -1.11 -29.44 -31.02
C ASP B 351 -1.33 -30.25 -32.30
N GLY B 352 -0.41 -30.10 -33.26
CA GLY B 352 -0.49 -30.76 -34.54
C GLY B 352 -1.32 -30.05 -35.59
N SER B 353 -2.17 -29.10 -35.19
CA SER B 353 -3.08 -28.42 -36.10
C SER B 353 -2.33 -27.45 -37.02
N LYS B 354 -3.06 -26.92 -38.02
CA LYS B 354 -2.50 -26.06 -39.04
C LYS B 354 -2.24 -24.67 -38.49
N ALA B 355 -1.08 -24.10 -38.81
CA ALA B 355 -0.83 -22.70 -38.51
C ALA B 355 -0.40 -22.00 -39.79
N GLU B 356 -1.23 -21.10 -40.28
CA GLU B 356 -0.92 -20.33 -41.48
C GLU B 356 -0.55 -18.92 -41.04
N LEU B 357 0.71 -18.54 -41.22
CA LEU B 357 1.20 -17.25 -40.77
C LEU B 357 1.60 -16.40 -41.96
N GLU B 358 1.26 -15.11 -41.88
CA GLU B 358 1.63 -14.11 -42.88
C GLU B 358 2.76 -13.27 -42.30
N VAL B 359 3.90 -13.25 -43.00
CA VAL B 359 5.10 -12.63 -42.48
C VAL B 359 5.68 -11.64 -43.49
N ILE B 360 6.47 -10.70 -42.97
CA ILE B 360 7.25 -9.77 -43.76
C ILE B 360 8.70 -10.21 -43.65
N ARG B 361 9.30 -10.54 -44.80
CA ARG B 361 10.68 -10.99 -44.90
C ARG B 361 11.41 -10.06 -45.86
N ASP B 362 12.26 -9.19 -45.32
CA ASP B 362 13.07 -8.27 -46.13
C ASP B 362 12.21 -7.50 -47.13
N GLY B 363 11.13 -6.90 -46.63
CA GLY B 363 10.20 -6.13 -47.43
C GLY B 363 9.18 -6.91 -48.23
N LYS B 364 9.36 -8.22 -48.42
CA LYS B 364 8.43 -9.02 -49.19
C LYS B 364 7.40 -9.69 -48.27
N ARG B 365 6.18 -9.84 -48.77
CA ARG B 365 5.09 -10.47 -48.02
C ARG B 365 5.00 -11.94 -48.39
N GLN B 366 4.79 -12.81 -47.39
CA GLN B 366 4.76 -14.25 -47.66
C GLN B 366 3.88 -14.97 -46.65
N LYS B 367 3.74 -16.28 -46.86
CA LYS B 367 2.90 -17.13 -46.03
C LYS B 367 3.57 -18.47 -45.81
N LEU B 368 3.64 -18.90 -44.55
CA LEU B 368 4.27 -20.15 -44.17
C LEU B 368 3.36 -20.96 -43.26
N THR B 369 3.45 -22.29 -43.40
CA THR B 369 2.59 -23.24 -42.70
C THR B 369 3.41 -23.98 -41.65
N VAL B 370 2.80 -24.19 -40.48
CA VAL B 370 3.48 -24.73 -39.30
C VAL B 370 2.62 -25.81 -38.66
N THR B 371 3.25 -26.94 -38.32
CA THR B 371 2.64 -27.99 -37.51
C THR B 371 2.87 -27.63 -36.03
N VAL B 372 1.90 -26.98 -35.42
CA VAL B 372 2.06 -26.47 -34.05
C VAL B 372 2.34 -27.61 -33.08
N GLY B 373 3.03 -27.28 -32.00
CA GLY B 373 3.36 -28.26 -30.97
C GLY B 373 2.78 -27.93 -29.61
N ALA B 374 3.44 -28.38 -28.54
CA ALA B 374 3.07 -28.09 -27.16
C ALA B 374 4.34 -27.83 -26.35
N LEU B 375 4.18 -27.21 -25.19
CA LEU B 375 5.30 -27.05 -24.26
C LEU B 375 5.85 -28.43 -23.88
N GLN C 30 -24.60 -0.97 0.65
CA GLN C 30 -23.88 0.29 0.60
C GLN C 30 -22.86 0.29 -0.55
N ALA C 31 -22.04 -0.75 -0.58
CA ALA C 31 -20.84 -0.74 -1.42
C ALA C 31 -21.17 -0.46 -2.87
N GLU C 32 -22.28 -1.01 -3.37
CA GLU C 32 -22.59 -0.76 -4.76
C GLU C 32 -22.93 0.70 -5.00
N ASN C 33 -23.25 1.45 -3.96
CA ASN C 33 -23.55 2.85 -4.14
C ASN C 33 -22.32 3.71 -3.91
N LEU C 34 -21.18 3.10 -3.76
CA LEU C 34 -19.94 3.83 -3.61
C LEU C 34 -19.55 4.42 -4.97
N PRO C 35 -19.29 5.71 -5.06
CA PRO C 35 -18.85 6.27 -6.34
C PRO C 35 -17.42 5.85 -6.64
N ASP C 36 -17.07 5.85 -7.92
CA ASP C 36 -15.78 5.35 -8.35
C ASP C 36 -15.19 6.29 -9.38
N PHE C 37 -14.01 5.94 -9.86
CA PHE C 37 -13.18 6.82 -10.67
C PHE C 37 -13.17 6.46 -12.17
N THR C 38 -14.12 5.63 -12.63
CA THR C 38 -14.09 5.17 -14.01
C THR C 38 -14.28 6.34 -14.99
N GLY C 39 -15.29 7.18 -14.76
CA GLY C 39 -15.47 8.35 -15.61
C GLY C 39 -14.31 9.32 -15.49
N LEU C 40 -13.81 9.51 -14.28
CA LEU C 40 -12.63 10.35 -14.11
C LEU C 40 -11.43 9.74 -14.83
N VAL C 41 -11.26 8.42 -14.76
CA VAL C 41 -10.13 7.82 -15.47
C VAL C 41 -10.26 8.07 -16.97
N GLU C 42 -11.46 7.86 -17.52
CA GLU C 42 -11.66 8.05 -18.95
C GLU C 42 -11.44 9.50 -19.37
N GLN C 43 -11.96 10.44 -18.61
CA GLN C 43 -11.84 11.84 -18.98
C GLN C 43 -10.42 12.37 -18.80
N ALA C 44 -9.63 11.85 -17.84
CA ALA C 44 -8.35 12.46 -17.52
C ALA C 44 -7.11 11.67 -17.96
N SER C 45 -7.24 10.39 -18.34
CA SER C 45 -6.11 9.63 -18.86
C SER C 45 -5.52 10.12 -20.18
N PRO C 46 -6.31 10.56 -21.18
CA PRO C 46 -5.72 10.79 -22.50
C PRO C 46 -4.47 11.65 -22.50
N ALA C 47 -4.35 12.62 -21.59
CA ALA C 47 -3.22 13.55 -21.63
C ALA C 47 -1.97 13.00 -20.97
N VAL C 48 -2.07 11.89 -20.26
CA VAL C 48 -0.93 11.29 -19.56
C VAL C 48 -0.14 10.46 -20.56
N VAL C 49 1.17 10.61 -20.54
CA VAL C 49 2.05 10.04 -21.55
C VAL C 49 3.15 9.27 -20.85
N ASN C 50 3.77 8.37 -21.63
CA ASN C 50 4.96 7.64 -21.21
C ASN C 50 6.20 8.39 -21.71
N ILE C 51 7.24 8.43 -20.88
CA ILE C 51 8.50 9.06 -21.25
C ILE C 51 9.56 7.97 -21.29
N SER C 52 10.18 7.79 -22.46
CA SER C 52 11.19 6.76 -22.67
C SER C 52 12.39 7.38 -23.34
N THR C 53 13.49 6.62 -23.37
CA THR C 53 14.71 6.95 -24.10
C THR C 53 15.17 5.75 -24.91
N ARG C 54 16.19 5.94 -25.74
CA ARG C 54 16.69 4.87 -26.58
C ARG C 54 18.21 4.83 -26.59
N GLN C 55 18.75 3.61 -26.62
CA GLN C 55 20.20 3.39 -26.69
C GLN C 55 20.68 3.63 -28.12
N LYS C 56 21.67 4.51 -28.27
CA LYS C 56 22.23 4.81 -29.58
C LYS C 56 23.57 5.51 -29.43
N ALA C 105 12.03 2.36 -26.43
CA ALA C 105 11.18 1.35 -25.82
C ALA C 105 11.65 1.04 -24.39
N GLN C 106 12.62 1.84 -23.92
CA GLN C 106 13.10 1.79 -22.55
C GLN C 106 12.40 2.88 -21.75
N SER C 107 11.46 2.49 -20.90
CA SER C 107 10.68 3.43 -20.11
C SER C 107 11.55 4.17 -19.10
N LEU C 108 11.33 5.47 -19.01
CA LEU C 108 11.90 6.29 -17.95
C LEU C 108 10.88 6.71 -16.92
N GLY C 109 9.62 6.87 -17.31
CA GLY C 109 8.63 7.31 -16.33
C GLY C 109 7.40 7.87 -17.03
N SER C 110 6.71 8.79 -16.33
CA SER C 110 5.46 9.35 -16.83
C SER C 110 5.54 10.86 -16.98
N GLY C 111 4.52 11.43 -17.61
CA GLY C 111 4.39 12.87 -17.72
C GLY C 111 3.03 13.21 -18.29
N PHE C 112 2.75 14.50 -18.49
CA PHE C 112 1.46 14.84 -19.05
C PHE C 112 1.56 16.07 -19.95
N ILE C 113 0.56 16.22 -20.82
CA ILE C 113 0.49 17.32 -21.76
C ILE C 113 -0.30 18.46 -21.13
N ILE C 114 0.33 19.63 -21.03
CA ILE C 114 -0.31 20.81 -20.47
C ILE C 114 -0.72 21.83 -21.53
N SER C 115 -0.61 21.50 -22.84
CA SER C 115 -1.00 22.40 -23.94
C SER C 115 -1.17 21.64 -25.23
N PRO C 116 -2.15 21.99 -26.08
CA PRO C 116 -2.44 21.15 -27.28
C PRO C 116 -1.37 21.18 -28.36
N ASP C 117 -0.33 21.99 -28.22
CA ASP C 117 0.74 22.03 -29.21
C ASP C 117 2.00 21.32 -28.73
N GLY C 118 1.96 20.65 -27.57
CA GLY C 118 2.96 19.66 -27.27
C GLY C 118 3.89 19.95 -26.13
N TYR C 119 3.59 20.93 -25.28
CA TYR C 119 4.37 21.10 -24.07
C TYR C 119 3.96 20.03 -23.06
N VAL C 120 4.96 19.43 -22.41
CA VAL C 120 4.77 18.28 -21.56
C VAL C 120 5.55 18.52 -20.28
N LEU C 121 4.94 18.24 -19.13
CA LEU C 121 5.59 18.30 -17.84
C LEU C 121 6.02 16.90 -17.44
N THR C 122 7.03 16.83 -16.59
CA THR C 122 7.50 15.57 -16.02
C THR C 122 8.46 15.91 -14.89
N ASN C 123 9.14 14.90 -14.38
CA ASN C 123 10.16 15.14 -13.37
C ASN C 123 11.52 15.26 -14.00
N ASN C 124 12.34 16.11 -13.42
CA ASN C 124 13.73 16.15 -13.82
C ASN C 124 14.35 14.75 -13.73
N HIS C 125 14.05 14.01 -12.64
CA HIS C 125 14.73 12.72 -12.43
C HIS C 125 14.25 11.62 -13.35
N VAL C 126 13.20 11.87 -14.14
CA VAL C 126 12.78 10.91 -15.15
C VAL C 126 13.59 11.09 -16.42
N ILE C 127 13.88 12.33 -16.80
CA ILE C 127 14.60 12.56 -18.04
C ILE C 127 16.10 12.71 -17.84
N ASP C 128 16.57 12.80 -16.60
CA ASP C 128 17.99 13.00 -16.38
C ASP C 128 18.81 11.86 -16.98
N GLY C 129 19.81 12.22 -17.79
CA GLY C 129 20.71 11.25 -18.39
C GLY C 129 20.24 10.68 -19.70
N ALA C 130 18.99 10.94 -20.09
CA ALA C 130 18.50 10.54 -21.39
C ALA C 130 18.90 11.59 -22.41
N ASP C 131 19.16 11.15 -23.63
CA ASP C 131 19.45 12.12 -24.69
C ASP C 131 18.32 12.18 -25.71
N GLU C 132 18.00 11.07 -26.36
CA GLU C 132 16.84 11.05 -27.22
C GLU C 132 15.65 10.67 -26.34
N ILE C 133 14.68 11.58 -26.24
CA ILE C 133 13.51 11.43 -25.39
C ILE C 133 12.31 11.19 -26.29
N LEU C 134 11.59 10.11 -26.03
CA LEU C 134 10.42 9.74 -26.80
C LEU C 134 9.20 9.82 -25.89
N VAL C 135 8.14 10.41 -26.41
CA VAL C 135 6.90 10.59 -25.70
C VAL C 135 5.87 9.71 -26.38
N ARG C 136 5.21 8.87 -25.60
CA ARG C 136 4.31 7.85 -26.12
C ARG C 136 2.91 8.10 -25.60
N LEU C 137 1.99 8.32 -26.52
CA LEU C 137 0.60 8.69 -26.30
C LEU C 137 -0.30 7.45 -26.15
N SER C 138 -1.56 7.71 -25.76
CA SER C 138 -2.55 6.65 -25.58
C SER C 138 -3.03 6.11 -26.92
N ASP C 139 -3.07 6.96 -27.96
CA ASP C 139 -3.31 6.39 -29.28
C ASP C 139 -2.10 5.61 -29.75
N ARG C 140 -1.04 5.64 -28.95
CA ARG C 140 0.21 4.92 -29.18
C ARG C 140 1.03 5.52 -30.31
N SER C 141 0.77 6.79 -30.61
CA SER C 141 1.73 7.59 -31.36
C SER C 141 3.01 7.70 -30.56
N GLU C 142 4.13 7.74 -31.26
CA GLU C 142 5.45 7.90 -30.65
C GLU C 142 6.03 9.18 -31.21
N LEU C 143 6.43 10.10 -30.33
CA LEU C 143 6.85 11.42 -30.76
C LEU C 143 8.22 11.78 -30.20
N LYS C 144 8.97 12.52 -31.00
CA LYS C 144 10.28 12.98 -30.61
C LYS C 144 10.16 14.24 -29.76
N ALA C 145 10.92 14.29 -28.68
CA ALA C 145 10.85 15.38 -27.70
C ALA C 145 12.22 16.02 -27.51
N LYS C 146 12.28 17.33 -27.56
CA LYS C 146 13.46 18.03 -27.10
C LYS C 146 13.22 18.61 -25.71
N LEU C 147 14.27 18.64 -24.91
CA LEU C 147 14.19 19.08 -23.53
C LEU C 147 14.13 20.61 -23.50
N VAL C 148 12.96 21.15 -23.20
CA VAL C 148 12.80 22.60 -23.11
C VAL C 148 13.55 23.16 -21.91
N GLY C 149 13.48 22.48 -20.78
CA GLY C 149 14.19 22.96 -19.59
C GLY C 149 13.93 22.06 -18.40
N THR C 150 14.81 22.18 -17.40
CA THR C 150 14.71 21.33 -16.23
C THR C 150 15.14 22.08 -14.98
N ASP C 151 14.59 21.68 -13.84
CA ASP C 151 14.91 22.28 -12.55
C ASP C 151 15.03 21.19 -11.50
N PRO C 152 16.25 20.74 -11.22
CA PRO C 152 16.42 19.67 -10.22
C PRO C 152 15.86 20.00 -8.85
N ARG C 153 15.94 21.27 -8.42
CA ARG C 153 15.57 21.63 -7.05
C ARG C 153 14.09 21.37 -6.78
N THR C 154 13.22 21.74 -7.72
CA THR C 154 11.85 21.30 -7.61
C THR C 154 11.63 19.99 -8.32
N ASP C 155 12.63 19.48 -9.03
CA ASP C 155 12.50 18.24 -9.78
C ASP C 155 11.38 18.34 -10.80
N VAL C 156 11.40 19.41 -11.60
CA VAL C 156 10.40 19.61 -12.65
C VAL C 156 11.11 19.73 -13.99
N ALA C 157 10.56 19.07 -15.01
CA ALA C 157 11.11 19.14 -16.35
C ALA C 157 10.00 19.45 -17.34
N VAL C 158 10.35 20.18 -18.38
CA VAL C 158 9.47 20.57 -19.47
C VAL C 158 10.08 20.06 -20.76
N LEU C 159 9.30 19.28 -21.52
CA LEU C 159 9.63 18.79 -22.85
C LEU C 159 8.68 19.41 -23.86
N LYS C 160 9.08 19.36 -25.15
CA LYS C 160 8.23 19.80 -26.25
C LYS C 160 8.20 18.75 -27.36
N ILE C 161 6.98 18.35 -27.75
CA ILE C 161 6.80 17.51 -28.93
C ILE C 161 5.94 18.27 -29.93
N GLU C 162 5.68 17.66 -31.08
CA GLU C 162 5.03 18.32 -32.19
C GLU C 162 3.68 17.69 -32.44
N GLY C 163 2.62 18.42 -32.15
CA GLY C 163 1.30 17.97 -32.52
C GLY C 163 0.40 19.17 -32.54
N LYS C 164 -0.85 18.91 -32.89
CA LYS C 164 -1.85 19.95 -32.96
C LYS C 164 -3.12 19.40 -32.31
N ASP C 165 -3.67 20.15 -31.37
CA ASP C 165 -4.84 19.70 -30.61
C ASP C 165 -4.57 18.33 -30.01
N LEU C 166 -3.43 18.23 -29.32
CA LEU C 166 -3.17 17.06 -28.50
C LEU C 166 -4.11 17.08 -27.30
N PRO C 167 -4.46 15.91 -26.74
CA PRO C 167 -5.24 15.89 -25.49
C PRO C 167 -4.46 16.57 -24.37
N THR C 168 -5.12 17.50 -23.69
CA THR C 168 -4.41 18.32 -22.70
C THR C 168 -5.10 18.26 -21.35
N ALA C 169 -4.28 18.25 -20.30
CA ALA C 169 -4.79 18.17 -18.95
C ALA C 169 -5.21 19.54 -18.45
N LYS C 170 -6.43 19.64 -17.91
CA LYS C 170 -6.84 20.82 -17.18
C LYS C 170 -5.98 20.97 -15.93
N LEU C 171 -5.56 22.20 -15.62
CA LEU C 171 -4.77 22.47 -14.42
C LEU C 171 -5.61 23.15 -13.35
N GLY C 172 -5.35 22.77 -12.09
CA GLY C 172 -6.05 23.33 -10.96
C GLY C 172 -5.15 24.14 -10.05
N ASN C 173 -5.63 24.39 -8.85
CA ASN C 173 -4.91 25.15 -7.84
C ASN C 173 -4.50 24.19 -6.73
N SER C 174 -3.22 24.14 -6.41
CA SER C 174 -2.87 23.26 -5.32
C SER C 174 -2.98 23.95 -3.97
N ASN C 175 -3.07 25.27 -3.93
CA ASN C 175 -3.18 25.91 -2.61
C ASN C 175 -4.55 25.71 -2.01
N THR C 176 -5.56 25.41 -2.82
CA THR C 176 -6.87 25.12 -2.26
C THR C 176 -7.08 23.63 -2.03
N LEU C 177 -6.06 22.82 -2.23
CA LEU C 177 -6.16 21.41 -1.90
C LEU C 177 -6.24 21.27 -0.39
N LYS C 178 -7.23 20.50 0.09
CA LYS C 178 -7.48 20.30 1.50
C LYS C 178 -7.06 18.90 1.91
N VAL C 179 -6.37 18.78 3.04
CA VAL C 179 -6.02 17.47 3.57
C VAL C 179 -7.28 16.67 3.82
N GLY C 180 -7.32 15.40 3.34
CA GLY C 180 -8.52 14.59 3.33
C GLY C 180 -9.25 14.48 2.01
N GLU C 181 -8.92 15.31 1.01
CA GLU C 181 -9.57 15.25 -0.30
C GLU C 181 -9.13 14.02 -1.10
N TRP C 182 -10.05 13.49 -1.90
CA TRP C 182 -9.70 12.37 -2.77
C TRP C 182 -8.89 12.88 -3.95
N VAL C 183 -7.86 12.12 -4.31
CA VAL C 183 -7.06 12.41 -5.49
C VAL C 183 -6.79 11.11 -6.23
N LEU C 184 -6.39 11.29 -7.50
CA LEU C 184 -6.15 10.19 -8.43
C LEU C 184 -4.87 10.44 -9.21
N ALA C 185 -3.87 9.58 -9.03
CA ALA C 185 -2.66 9.56 -9.83
C ALA C 185 -2.84 8.70 -11.07
N ILE C 186 -2.44 9.21 -12.22
CA ILE C 186 -2.41 8.43 -13.46
C ILE C 186 -1.00 8.48 -14.03
N GLY C 187 -0.48 7.31 -14.42
CA GLY C 187 0.81 7.20 -15.03
C GLY C 187 0.71 6.38 -16.31
N SER C 188 1.83 6.30 -17.03
CA SER C 188 1.99 5.42 -18.19
C SER C 188 3.32 4.74 -17.99
N PRO C 189 3.36 3.75 -17.10
CA PRO C 189 4.65 3.31 -16.54
C PRO C 189 5.53 2.49 -17.48
N PHE C 190 4.98 1.62 -18.32
CA PHE C 190 5.77 0.61 -19.04
C PHE C 190 5.31 0.51 -20.50
N GLY C 191 5.40 1.62 -21.20
CA GLY C 191 4.87 1.71 -22.54
C GLY C 191 3.63 2.57 -22.54
N PHE C 192 2.83 2.39 -23.60
CA PHE C 192 1.74 3.34 -23.85
C PHE C 192 0.55 3.21 -22.88
N ASP C 193 0.52 2.22 -22.00
CA ASP C 193 -0.68 1.97 -21.22
C ASP C 193 -0.73 2.79 -19.93
N HIS C 194 -1.93 3.23 -19.56
CA HIS C 194 -2.11 4.00 -18.34
C HIS C 194 -2.37 3.08 -17.16
N SER C 195 -1.86 3.49 -16.02
CA SER C 195 -2.13 2.84 -14.76
C SER C 195 -2.62 3.90 -13.78
N VAL C 196 -3.48 3.50 -12.86
CA VAL C 196 -4.30 4.46 -12.10
C VAL C 196 -4.30 4.07 -10.62
N THR C 197 -4.08 5.04 -9.74
CA THR C 197 -4.27 4.74 -8.32
C THR C 197 -4.89 5.91 -7.57
N LYS C 198 -5.74 5.57 -6.60
CA LYS C 198 -6.57 6.50 -5.86
C LYS C 198 -6.02 6.67 -4.45
N GLY C 199 -6.45 7.73 -3.79
CA GLY C 199 -5.98 7.99 -2.44
C GLY C 199 -6.52 9.31 -1.95
N ILE C 200 -5.98 9.77 -0.82
CA ILE C 200 -6.30 11.11 -0.34
C ILE C 200 -5.01 11.93 -0.13
N VAL C 201 -5.22 13.24 0.02
CA VAL C 201 -4.18 14.18 0.44
C VAL C 201 -3.88 13.95 1.93
N SER C 202 -2.66 13.49 2.22
CA SER C 202 -2.23 13.15 3.56
C SER C 202 -1.73 14.36 4.31
N ALA C 203 -1.14 15.32 3.60
CA ALA C 203 -0.49 16.49 4.20
C ALA C 203 0.01 17.42 3.11
N LYS C 204 0.23 18.68 3.48
CA LYS C 204 0.90 19.66 2.64
C LYS C 204 1.89 20.41 3.49
N GLY C 205 2.94 20.92 2.87
CA GLY C 205 3.85 21.76 3.62
C GLY C 205 4.85 22.46 2.74
N ARG C 206 5.90 22.97 3.37
CA ARG C 206 6.99 23.58 2.61
C ARG C 206 8.33 23.16 3.18
N SER C 207 8.38 22.07 3.93
CA SER C 207 9.52 21.83 4.80
C SER C 207 9.70 20.34 5.05
N LEU C 208 10.93 20.00 5.44
CA LEU C 208 11.30 18.67 5.89
C LEU C 208 12.46 18.83 6.85
N PRO C 209 12.71 17.84 7.72
CA PRO C 209 13.90 17.92 8.59
C PRO C 209 15.22 17.99 7.82
N ASN C 210 15.24 17.53 6.58
CA ASN C 210 16.45 17.51 5.76
C ASN C 210 16.47 18.61 4.70
N ASP C 211 15.41 19.40 4.59
CA ASP C 211 15.44 20.48 3.62
C ASP C 211 14.44 21.56 4.05
N THR C 212 14.80 22.81 3.77
CA THR C 212 13.93 23.95 4.05
C THR C 212 13.42 24.64 2.79
N TYR C 213 13.35 23.96 1.63
CA TYR C 213 13.06 24.71 0.42
C TYR C 213 11.70 24.41 -0.22
N VAL C 214 11.44 23.20 -0.68
CA VAL C 214 10.45 22.96 -1.73
C VAL C 214 9.12 22.51 -1.09
N PRO C 215 8.02 23.20 -1.33
CA PRO C 215 6.73 22.77 -0.78
C PRO C 215 6.25 21.47 -1.41
N PHE C 216 5.40 20.77 -0.68
CA PHE C 216 5.08 19.40 -1.06
C PHE C 216 3.64 19.11 -0.75
N ILE C 217 3.11 18.15 -1.49
CA ILE C 217 1.89 17.45 -1.10
C ILE C 217 2.30 16.01 -0.82
N GLN C 218 1.68 15.45 0.19
CA GLN C 218 1.82 14.05 0.54
C GLN C 218 0.45 13.40 0.42
N THR C 219 0.45 12.23 -0.21
CA THR C 219 -0.75 11.43 -0.45
C THR C 219 -0.44 10.00 -0.01
N ASP C 220 -1.50 9.20 0.23
CA ASP C 220 -1.36 7.78 0.55
C ASP C 220 -1.70 6.88 -0.65
N VAL C 221 -1.67 7.45 -1.84
CA VAL C 221 -1.75 6.78 -3.14
C VAL C 221 -0.70 5.66 -3.25
N ALA C 222 -0.95 4.65 -4.06
CA ALA C 222 0.04 3.59 -4.16
C ALA C 222 1.30 4.09 -4.84
N ILE C 223 2.43 3.55 -4.43
CA ILE C 223 3.71 3.86 -5.05
C ILE C 223 3.99 2.84 -6.15
N ASN C 224 4.30 3.34 -7.33
CA ASN C 224 4.60 2.58 -8.53
C ASN C 224 5.91 3.10 -9.08
N PRO C 225 6.77 2.22 -9.60
CA PRO C 225 7.83 2.69 -10.49
C PRO C 225 7.23 2.92 -11.87
N GLY C 226 7.55 4.06 -12.48
CA GLY C 226 7.01 4.41 -13.77
C GLY C 226 5.86 5.39 -13.73
N ASN C 227 5.20 5.55 -12.56
CA ASN C 227 4.17 6.55 -12.40
C ASN C 227 4.76 7.92 -12.12
N SER C 228 6.00 7.96 -11.66
CA SER C 228 6.67 9.21 -11.34
C SER C 228 6.72 10.13 -12.55
N GLY C 229 6.31 11.37 -12.37
CA GLY C 229 6.20 12.35 -13.43
C GLY C 229 4.80 12.52 -13.99
N GLY C 230 3.90 11.60 -13.70
CA GLY C 230 2.54 11.79 -14.13
C GLY C 230 1.79 12.72 -13.19
N PRO C 231 0.61 13.13 -13.63
CA PRO C 231 -0.14 14.13 -12.87
C PRO C 231 -0.93 13.49 -11.73
N LEU C 232 -1.38 14.35 -10.84
CA LEU C 232 -2.15 13.98 -9.68
C LEU C 232 -3.42 14.79 -9.72
N PHE C 233 -4.56 14.11 -9.80
CA PHE C 233 -5.84 14.72 -10.13
C PHE C 233 -6.74 14.87 -8.92
N ASN C 234 -7.39 16.02 -8.81
CA ASN C 234 -8.57 16.11 -7.96
C ASN C 234 -9.77 15.49 -8.69
N MET C 235 -10.88 15.32 -7.95
CA MET C 235 -12.05 14.63 -8.50
C MET C 235 -12.72 15.37 -9.66
N ALA C 236 -12.38 16.64 -9.90
CA ALA C 236 -12.90 17.35 -11.05
C ALA C 236 -12.02 17.16 -12.27
N GLY C 237 -10.96 16.36 -12.18
CA GLY C 237 -10.08 16.16 -13.32
C GLY C 237 -9.06 17.25 -13.55
N GLU C 238 -8.83 18.12 -12.58
CA GLU C 238 -7.80 19.13 -12.68
C GLU C 238 -6.51 18.61 -12.07
N VAL C 239 -5.39 18.91 -12.72
CA VAL C 239 -4.11 18.54 -12.14
C VAL C 239 -3.89 19.40 -10.90
N VAL C 240 -3.68 18.75 -9.76
CA VAL C 240 -3.28 19.45 -8.54
C VAL C 240 -1.83 19.19 -8.19
N GLY C 241 -1.19 18.19 -8.80
CA GLY C 241 0.21 18.02 -8.47
C GLY C 241 0.89 17.17 -9.52
N ILE C 242 2.21 17.09 -9.40
CA ILE C 242 3.00 16.16 -10.21
C ILE C 242 3.45 15.07 -9.28
N ASN C 243 2.98 13.88 -9.53
CA ASN C 243 3.30 12.76 -8.67
C ASN C 243 4.75 12.35 -8.90
N SER C 244 5.64 12.80 -8.02
CA SER C 244 7.03 12.39 -7.96
C SER C 244 7.14 11.31 -6.89
N GLN C 245 7.82 10.22 -7.17
CA GLN C 245 7.68 9.09 -6.24
C GLN C 245 8.28 9.40 -4.86
N ILE C 246 9.57 9.70 -4.79
CA ILE C 246 10.11 10.39 -3.62
C ILE C 246 11.00 11.51 -4.13
N GLY C 255 5.74 5.26 3.97
CA GLY C 255 5.02 4.67 2.85
C GLY C 255 4.12 5.66 2.11
N LEU C 256 4.27 6.95 2.43
CA LEU C 256 3.50 7.96 1.73
C LEU C 256 4.26 8.46 0.51
N SER C 257 3.51 8.93 -0.47
CA SER C 257 4.00 9.39 -1.74
C SER C 257 3.96 10.91 -1.81
N PHE C 258 4.93 11.50 -2.51
CA PHE C 258 5.06 12.94 -2.60
C PHE C 258 4.71 13.46 -3.98
N ALA C 259 4.16 14.66 -4.03
CA ALA C 259 3.93 15.37 -5.28
C ALA C 259 4.40 16.82 -5.18
N ILE C 260 4.80 17.36 -6.32
CA ILE C 260 5.06 18.80 -6.40
C ILE C 260 3.71 19.50 -6.54
N PRO C 261 3.40 20.47 -5.69
CA PRO C 261 2.17 21.25 -5.90
C PRO C 261 2.17 21.87 -7.29
N ILE C 262 1.01 21.79 -7.96
CA ILE C 262 0.96 22.29 -9.33
C ILE C 262 1.26 23.79 -9.41
N ASP C 263 0.94 24.56 -8.36
CA ASP C 263 1.26 25.99 -8.37
C ASP C 263 2.76 26.23 -8.55
N VAL C 264 3.56 25.53 -7.75
CA VAL C 264 5.01 25.61 -7.87
C VAL C 264 5.47 25.09 -9.22
N ALA C 265 4.91 23.97 -9.70
CA ALA C 265 5.40 23.40 -10.95
C ALA C 265 5.10 24.28 -12.14
N MET C 266 3.90 24.85 -12.19
CA MET C 266 3.53 25.77 -13.25
C MET C 266 4.38 27.04 -13.19
N ASP C 267 4.65 27.53 -11.98
CA ASP C 267 5.60 28.62 -11.85
C ASP C 267 6.94 28.25 -12.48
N VAL C 268 7.48 27.09 -12.09
CA VAL C 268 8.76 26.65 -12.61
C VAL C 268 8.71 26.44 -14.12
N ALA C 269 7.58 25.99 -14.64
CA ALA C 269 7.49 25.66 -16.05
C ALA C 269 7.39 26.91 -16.88
N ASN C 270 6.66 27.92 -16.38
CA ASN C 270 6.70 29.22 -17.02
C ASN C 270 8.14 29.70 -17.10
N GLN C 271 8.88 29.58 -16.01
CA GLN C 271 10.25 30.04 -16.01
C GLN C 271 11.08 29.29 -17.05
N LEU C 272 11.02 27.95 -17.03
CA LEU C 272 11.82 27.16 -17.97
C LEU C 272 11.43 27.44 -19.41
N LYS C 273 10.14 27.60 -19.67
CA LYS C 273 9.67 27.87 -21.02
C LYS C 273 10.13 29.23 -21.52
N ALA C 274 10.32 30.18 -20.61
CA ALA C 274 10.64 31.52 -21.04
C ALA C 274 12.13 31.83 -20.99
N ASN C 275 12.87 31.11 -20.16
CA ASN C 275 14.29 31.36 -19.95
C ASN C 275 15.15 30.13 -20.11
N GLY C 276 14.58 28.93 -20.11
CA GLY C 276 15.36 27.71 -20.20
C GLY C 276 15.92 27.24 -18.89
N LYS C 277 15.86 28.06 -17.85
CA LYS C 277 16.45 27.73 -16.55
C LYS C 277 15.76 28.61 -15.51
N VAL C 278 15.66 28.09 -14.29
CA VAL C 278 15.09 28.82 -13.15
C VAL C 278 16.20 29.59 -12.45
N SER C 279 15.98 30.89 -12.23
CA SER C 279 16.89 31.73 -11.45
C SER C 279 16.33 31.90 -10.04
N ARG C 280 17.19 31.72 -9.04
CA ARG C 280 16.77 31.78 -7.64
C ARG C 280 17.79 32.61 -6.87
N GLY C 281 17.30 33.55 -6.08
CA GLY C 281 18.20 34.35 -5.27
C GLY C 281 18.82 33.49 -4.18
N TRP C 282 20.09 33.76 -3.88
CA TRP C 282 20.89 32.85 -3.08
C TRP C 282 21.47 33.52 -1.83
N LEU C 283 21.39 32.81 -0.71
CA LEU C 283 21.97 33.23 0.56
C LEU C 283 22.91 32.14 1.07
N GLY C 284 24.09 32.55 1.51
CA GLY C 284 25.09 31.58 1.94
C GLY C 284 24.85 31.07 3.34
N VAL C 285 23.60 30.79 3.68
CA VAL C 285 23.23 30.38 5.03
C VAL C 285 22.50 29.04 5.01
N VAL C 286 22.76 28.21 6.01
CA VAL C 286 21.91 27.10 6.39
C VAL C 286 21.16 27.52 7.64
N ILE C 287 19.85 27.30 7.65
CA ILE C 287 18.98 27.81 8.71
C ILE C 287 18.32 26.66 9.43
N GLN C 288 17.81 26.95 10.61
CA GLN C 288 16.94 26.04 11.34
C GLN C 288 15.85 26.87 11.99
N GLU C 289 14.78 26.20 12.43
CA GLU C 289 13.64 26.91 12.99
C GLU C 289 13.99 27.49 14.36
N VAL C 290 13.02 28.21 14.94
CA VAL C 290 13.18 28.81 16.26
C VAL C 290 12.09 28.28 17.17
N GLY C 305 10.81 32.97 13.53
CA GLY C 305 12.00 33.37 12.82
C GLY C 305 12.68 32.22 12.10
N ALA C 306 13.92 32.46 11.65
CA ALA C 306 14.78 31.44 11.07
C ALA C 306 16.13 31.59 11.72
N LEU C 307 16.57 30.54 12.41
CA LEU C 307 17.79 30.58 13.21
C LEU C 307 18.99 30.19 12.34
N VAL C 308 19.84 31.16 12.04
CA VAL C 308 21.03 30.86 11.24
C VAL C 308 21.79 29.79 12.00
N ALA C 309 21.86 28.60 11.42
CA ALA C 309 22.63 27.52 12.02
C ALA C 309 24.01 27.38 11.40
N GLN C 310 24.22 27.89 10.19
CA GLN C 310 25.53 27.81 9.55
C GLN C 310 25.62 28.92 8.49
N VAL C 311 26.23 30.05 8.84
CA VAL C 311 26.55 31.04 7.82
C VAL C 311 27.86 30.60 7.17
N LEU C 312 28.08 31.00 5.93
CA LEU C 312 29.18 30.48 5.16
C LEU C 312 30.26 31.54 4.97
N GLU C 313 31.40 31.09 4.48
CA GLU C 313 32.48 31.93 4.00
C GLU C 313 32.31 32.08 2.50
N ASP C 314 32.61 33.27 1.98
CA ASP C 314 32.42 33.66 0.58
C ASP C 314 30.94 33.72 0.21
N GLY C 315 30.04 33.38 1.14
CA GLY C 315 28.63 33.65 0.96
C GLY C 315 28.40 35.15 1.05
N PRO C 316 27.43 35.66 0.29
CA PRO C 316 27.13 37.09 0.40
C PRO C 316 26.67 37.49 1.79
N ALA C 317 25.99 36.59 2.51
CA ALA C 317 25.55 36.86 3.88
C ALA C 317 26.72 37.17 4.79
N ALA C 318 27.84 36.45 4.61
CA ALA C 318 29.04 36.72 5.38
C ALA C 318 29.53 38.15 5.13
N LYS C 319 29.43 38.61 3.88
CA LYS C 319 29.77 39.99 3.59
C LYS C 319 28.91 40.96 4.40
N GLY C 320 27.70 40.53 4.77
CA GLY C 320 26.83 41.34 5.60
C GLY C 320 26.85 41.05 7.09
N GLY C 321 27.08 39.79 7.48
CA GLY C 321 27.00 39.44 8.89
C GLY C 321 27.44 38.01 9.15
N VAL C 322 27.34 37.61 10.42
CA VAL C 322 27.86 36.34 10.90
C VAL C 322 26.74 35.40 11.38
N GLN C 323 27.11 34.17 11.76
CA GLN C 323 26.19 33.10 12.16
C GLN C 323 25.48 33.43 13.48
N GLY C 325 24.62 32.49 13.90
CA GLY C 325 23.88 32.56 15.14
C GLY C 325 22.81 33.62 15.21
N ASP C 326 22.39 34.16 14.07
CA ASP C 326 21.44 35.27 14.00
C ASP C 326 20.04 34.77 13.65
N VAL C 327 19.06 35.12 14.47
CA VAL C 327 17.66 34.79 14.18
C VAL C 327 17.09 35.89 13.29
N ILE C 328 16.82 35.55 12.03
CA ILE C 328 16.28 36.50 11.05
C ILE C 328 14.75 36.49 11.15
N LEU C 329 14.18 37.58 11.66
CA LEU C 329 12.73 37.66 11.83
C LEU C 329 12.02 38.29 10.63
N SER C 330 12.66 39.21 9.93
CA SER C 330 12.12 39.66 8.66
C SER C 330 13.27 39.74 7.66
N ALA C 331 12.94 39.55 6.39
CA ALA C 331 13.79 39.90 5.27
C ALA C 331 12.97 40.73 4.29
N ASN C 332 13.52 41.86 3.86
CA ASN C 332 12.84 42.79 2.95
C ASN C 332 11.41 43.09 3.44
N GLY C 333 11.25 43.14 4.76
CA GLY C 333 10.00 43.53 5.36
C GLY C 333 9.03 42.40 5.63
N GLN C 334 9.28 41.21 5.09
CA GLN C 334 8.31 40.14 5.27
C GLN C 334 8.61 39.36 6.55
N PRO C 335 7.64 39.20 7.44
CA PRO C 335 7.87 38.41 8.66
C PRO C 335 8.24 36.97 8.36
N ILE C 336 9.08 36.41 9.22
CA ILE C 336 9.49 35.02 9.13
C ILE C 336 8.87 34.29 10.31
N VAL C 337 7.66 33.76 10.10
CA VAL C 337 7.03 32.93 11.10
C VAL C 337 7.60 31.52 11.05
N MET C 338 7.99 31.09 9.86
CA MET C 338 8.59 29.80 9.62
C MET C 338 9.95 30.04 8.99
N SER C 339 10.92 29.18 9.30
CA SER C 339 12.22 29.32 8.66
C SER C 339 12.07 29.20 7.15
N ALA C 340 11.16 28.33 6.70
CA ALA C 340 10.93 28.13 5.27
C ALA C 340 10.32 29.35 4.58
N ASP C 341 9.73 30.28 5.34
CA ASP C 341 9.33 31.55 4.76
C ASP C 341 10.52 32.27 4.14
N LEU C 342 11.72 32.06 4.70
CA LEU C 342 12.89 32.84 4.27
C LEU C 342 13.46 32.40 2.93
N PRO C 343 13.82 31.13 2.70
CA PRO C 343 14.47 30.79 1.43
C PRO C 343 13.65 31.15 0.20
N HIS C 344 12.37 30.77 0.18
CA HIS C 344 11.55 31.07 -0.99
C HIS C 344 11.59 32.56 -1.30
N LEU C 345 11.40 33.39 -0.28
CA LEU C 345 11.58 34.83 -0.42
C LEU C 345 12.91 35.15 -1.09
N ILE C 346 14.01 34.70 -0.49
CA ILE C 346 15.32 35.00 -1.07
C ILE C 346 15.42 34.37 -2.44
N GLY C 347 14.81 33.20 -2.62
CA GLY C 347 14.82 32.56 -3.92
C GLY C 347 14.13 33.39 -4.98
N ASN C 348 13.03 34.05 -4.63
CA ASN C 348 12.33 34.87 -5.60
C ASN C 348 13.03 36.21 -5.83
N LEU C 349 14.00 36.57 -5.00
CA LEU C 349 14.77 37.77 -5.23
C LEU C 349 15.66 37.60 -6.43
N LYS C 350 15.85 38.70 -7.17
CA LYS C 350 16.75 38.69 -8.30
C LYS C 350 18.18 38.81 -7.79
N ASP C 351 19.08 37.98 -8.34
CA ASP C 351 20.49 38.12 -8.04
C ASP C 351 20.91 39.57 -8.19
N GLY C 352 21.76 40.02 -7.26
CA GLY C 352 22.27 41.37 -7.28
C GLY C 352 21.40 42.42 -6.60
N SER C 353 20.12 42.16 -6.40
CA SER C 353 19.27 43.13 -5.74
C SER C 353 19.57 43.16 -4.24
N LYS C 354 19.30 44.30 -3.61
CA LYS C 354 19.55 44.44 -2.19
C LYS C 354 18.41 43.80 -1.40
N ALA C 355 18.78 43.10 -0.34
CA ALA C 355 17.83 42.51 0.60
C ALA C 355 18.18 43.00 2.00
N GLU C 356 17.21 43.63 2.67
CA GLU C 356 17.38 44.16 4.01
C GLU C 356 16.76 43.20 5.01
N LEU C 357 17.58 42.62 5.87
CA LEU C 357 17.15 41.63 6.85
C LEU C 357 17.31 42.20 8.25
N GLU C 358 16.35 41.90 9.12
CA GLU C 358 16.40 42.30 10.52
C GLU C 358 16.75 41.06 11.35
N VAL C 359 17.80 41.16 12.13
CA VAL C 359 18.27 40.01 12.90
C VAL C 359 18.41 40.39 14.37
N ILE C 360 18.21 39.39 15.24
CA ILE C 360 18.43 39.51 16.68
C ILE C 360 19.62 38.61 17.04
N ARG C 361 20.56 39.15 17.80
CA ARG C 361 21.73 38.34 18.19
C ARG C 361 21.80 38.07 19.69
N ASP C 362 21.79 39.12 20.51
CA ASP C 362 21.88 39.01 21.95
C ASP C 362 20.81 39.88 22.59
N GLY C 363 19.57 39.70 22.16
CA GLY C 363 18.50 40.57 22.56
C GLY C 363 18.52 41.86 21.79
N LYS C 364 19.60 42.12 21.08
CA LYS C 364 19.78 43.32 20.28
C LYS C 364 19.28 43.07 18.87
N ARG C 365 18.50 44.03 18.36
CA ARG C 365 17.90 44.00 17.04
C ARG C 365 18.70 44.90 16.11
N GLN C 366 18.91 44.45 14.88
CA GLN C 366 19.70 45.19 13.91
C GLN C 366 19.20 44.89 12.51
N LYS C 367 19.80 45.57 11.52
CA LYS C 367 19.41 45.40 10.14
C LYS C 367 20.66 45.43 9.28
N LEU C 368 20.77 44.44 8.40
CA LEU C 368 21.91 44.29 7.50
C LEU C 368 21.39 44.09 6.08
N THR C 369 22.10 44.67 5.11
CA THR C 369 21.71 44.64 3.70
C THR C 369 22.70 43.79 2.90
N VAL C 370 22.17 43.00 1.96
CA VAL C 370 22.98 42.06 1.19
C VAL C 370 22.61 42.18 -0.29
N THR C 371 23.63 42.19 -1.14
CA THR C 371 23.41 42.09 -2.58
C THR C 371 23.31 40.60 -2.90
N VAL C 372 22.06 40.10 -2.97
CA VAL C 372 21.81 38.67 -3.12
C VAL C 372 22.40 38.14 -4.42
N GLY C 373 22.73 36.85 -4.42
CA GLY C 373 23.32 36.17 -5.57
C GLY C 373 22.42 35.11 -6.18
N ALA C 374 23.01 34.08 -6.81
CA ALA C 374 22.25 33.03 -7.47
C ALA C 374 22.82 31.66 -7.10
N LEU C 375 21.99 30.64 -7.28
CA LEU C 375 22.34 29.22 -7.11
C LEU C 375 22.60 28.90 -5.64
#